data_3CZN
#
_entry.id   3CZN
#
_cell.length_a   68.926
_cell.length_b   109.576
_cell.length_c   138.956
_cell.angle_alpha   90.000
_cell.angle_beta   90.000
_cell.angle_gamma   90.000
#
_symmetry.space_group_name_H-M   'P 21 21 21'
#
loop_
_entity.id
_entity.type
_entity.pdbx_description
1 polymer 'Alpha-mannosidase 2'
2 branched 2-acetamido-2-deoxy-beta-D-glucopyranose-(1-2)-alpha-D-mannopyranose-(1-3)-[alpha-D-mannopyranose-(1-3)-[alpha-D-mannopyranose-(1-6)]alpha-D-mannopyranose-(1-6)]beta-D-mannopyranose-(1-4)-2-acetamido-2-deoxy-alpha-D-glucopyranose
3 non-polymer 2-acetamido-2-deoxy-beta-D-glucopyranose
4 non-polymer 'ZINC ION'
5 water water
#
_entity_poly.entity_id   1
_entity_poly.type   'polypeptide(L)'
_entity_poly.pdbx_seq_one_letter_code
;RSSHHHHHHGEFDDPIRPPLKVARSPRPGQCQDVVQDVPNVDVQMLELYDRMSFKDIDGGVWKQGWNIKYDPLKYNAHHK
LKVFVVPHSHNDPGWIQTFEEYYQHDTKHILSNALRHLHDNPEMKFIWAEISYFARFYHDLGENKKLQMKSIVKNGQLEF
VTGGWVMPDEANSHWRNVLLQLTEGQTWLKQFMNVTPTASWAIAPFGHSPTMPYILQKSGFKNMLIQRTHYSVKKELAQQ
RQLEFLWRQIWDNKGDTALFTHMMPFYSYDIPHTCGPDPKVCCQFDFKRMGSFGLSCPWKVPPRTISDQNVAARSDLLVD
QWKKKAELYRTNVLLIPLGDDFRFKQNTEWDVQRVNYERLFEHINSQAHFNVQAQFGTLQEYFDAVHQAERAGQAEFPTL
SGDFFTYADRSDNYWSGYYTSRPYHKRMDRVLMHYVRAAEMLSAWHSWDGMARIEERLEQARRELSLFQHHDGITGTAKT
HVVVDYEQRMQEALKACQMVMQQSVYRLLTKPSIYSPDFSFSYFTLDDSRWPGSGVEDSRTTIILGEDILPSKHVVMHNT
LPHWREQLVDFYVSSPFVSVTDLANNPVEAQVSPVWSWHHDTLTKTIHPQGSTTKYRIIFKARVPPMGLATYVLTISDSK
PEHTSYASNLLLRKNPTSLPLGQYPEDVKFGDPREISLRVGNGPTLAFSEQGLLKSIQLTQDSPHVPVHFKFLKYGVRSH
GDRSGAYLFLPNGPASPVELGQPVVLVTKGKLESSVSVGLPSVVHQTIMRGGAPEIRNLVDIGSLDNTEIVMRLETHIDS
GDIFYTDLNGLQFIKRRRLDKLPLQANYYPIPSGMFIEDANTRLTLLTGQPLGGSSLASGELEIMQDRRLASDDERGLGQ
GVLDNKPVLHIYRLVLEKVNNCVRPSKLHPAGYLTSAAHKASQSLLDPLDKFIFAENEWIGAQGQFGGDHPSAREDLDVS
VMRRLTKSSAKTQRVGYVLHRTNLMQCGTPEEHTQKLDVCHLLPNVARCERTTLTFLQNLEHLDGMVAPEVCPMETAAYV
SSHSS
;
_entity_poly.pdbx_strand_id   A
#
# COMPACT_ATOMS: atom_id res chain seq x y z
N CYS A 31 -5.53 12.01 25.89
CA CYS A 31 -4.86 11.15 24.87
C CYS A 31 -3.64 10.45 25.45
N GLN A 32 -3.41 9.21 25.02
CA GLN A 32 -2.17 8.50 25.34
C GLN A 32 -0.97 9.23 24.77
N ASP A 33 0.13 9.22 25.52
CA ASP A 33 1.41 9.73 25.04
C ASP A 33 2.09 8.63 24.22
N VAL A 34 2.28 8.89 22.92
CA VAL A 34 2.82 7.89 22.00
C VAL A 34 4.35 7.95 21.87
N VAL A 35 4.97 8.87 22.61
CA VAL A 35 6.40 9.11 22.51
C VAL A 35 7.19 8.65 23.73
N GLN A 36 6.66 8.96 24.92
CA GLN A 36 7.46 8.94 26.14
C GLN A 36 7.25 7.73 27.04
N ASP A 37 6.28 6.89 26.69
CA ASP A 37 5.97 5.71 27.49
C ASP A 37 6.23 4.43 26.69
N VAL A 38 7.29 3.71 27.02
CA VAL A 38 7.62 2.44 26.34
C VAL A 38 6.66 1.35 26.81
N PRO A 39 5.81 0.82 25.90
CA PRO A 39 4.86 -0.21 26.34
C PRO A 39 5.52 -1.45 26.90
N ASN A 40 4.90 -2.03 27.93
N ASN A 40 4.92 -2.00 27.95
CA ASN A 40 5.36 -3.28 28.49
CA ASN A 40 5.35 -3.28 28.47
C ASN A 40 4.59 -4.47 27.91
C ASN A 40 4.53 -4.36 27.77
N VAL A 41 5.22 -5.17 26.98
CA VAL A 41 4.59 -6.30 26.28
C VAL A 41 5.40 -7.56 26.53
N ASP A 42 4.76 -8.72 26.43
CA ASP A 42 5.48 -9.97 26.63
C ASP A 42 6.44 -10.29 25.50
N VAL A 43 6.05 -9.94 24.28
CA VAL A 43 6.88 -10.18 23.10
C VAL A 43 6.94 -8.87 22.33
N GLN A 44 8.15 -8.34 22.16
CA GLN A 44 8.35 -7.16 21.34
C GLN A 44 9.25 -7.62 20.20
N MET A 45 8.78 -7.54 18.97
CA MET A 45 9.47 -8.22 17.87
C MET A 45 10.90 -7.77 17.60
N LEU A 46 11.18 -6.48 17.81
CA LEU A 46 12.55 -6.02 17.62
C LEU A 46 13.49 -6.63 18.66
N GLU A 47 13.02 -6.69 19.91
CA GLU A 47 13.79 -7.30 20.98
C GLU A 47 13.95 -8.80 20.72
N LEU A 48 12.88 -9.44 20.27
CA LEU A 48 12.95 -10.87 19.95
C LEU A 48 13.99 -11.12 18.86
N TYR A 49 13.96 -10.31 17.81
CA TYR A 49 14.96 -10.41 16.74
C TYR A 49 16.40 -10.27 17.25
N ASP A 50 16.60 -9.37 18.20
CA ASP A 50 17.95 -9.13 18.74
C ASP A 50 18.48 -10.38 19.46
N ARG A 51 17.58 -11.10 20.13
CA ARG A 51 17.90 -12.28 20.94
C ARG A 51 17.98 -13.59 20.15
N MET A 52 17.13 -13.73 19.14
CA MET A 52 17.05 -14.99 18.36
C MET A 52 18.32 -15.30 17.58
N SER A 53 18.64 -16.58 17.43
CA SER A 53 19.84 -17.00 16.70
CA SER A 53 19.85 -16.96 16.69
C SER A 53 19.56 -17.35 15.23
N PHE A 54 18.29 -17.62 14.92
CA PHE A 54 17.87 -17.89 13.54
C PHE A 54 18.58 -19.10 12.94
N LYS A 55 18.96 -20.06 13.78
CA LYS A 55 19.62 -21.26 13.26
C LYS A 55 18.63 -22.11 12.48
N ASP A 56 19.06 -22.56 11.31
CA ASP A 56 18.21 -23.29 10.39
C ASP A 56 18.55 -24.79 10.44
N ILE A 57 18.16 -25.41 11.55
CA ILE A 57 18.48 -26.82 11.75
C ILE A 57 17.33 -27.72 11.35
N ASP A 58 17.68 -28.93 10.90
CA ASP A 58 16.70 -29.95 10.55
C ASP A 58 16.00 -30.47 11.80
N GLY A 59 14.73 -30.13 11.95
CA GLY A 59 13.96 -30.51 13.14
C GLY A 59 13.30 -31.87 13.07
N GLY A 60 13.51 -32.60 11.98
CA GLY A 60 12.86 -33.89 11.77
C GLY A 60 11.69 -33.76 10.80
N VAL A 61 10.60 -34.49 11.05
CA VAL A 61 9.44 -34.43 10.14
C VAL A 61 8.87 -33.01 10.07
N TRP A 62 8.86 -32.29 11.19
CA TRP A 62 8.60 -30.86 11.17
C TRP A 62 9.97 -30.23 10.91
N LYS A 63 10.23 -29.91 9.65
CA LYS A 63 11.60 -29.59 9.24
C LYS A 63 12.17 -28.37 9.94
N GLN A 64 11.30 -27.44 10.31
CA GLN A 64 11.74 -26.19 10.91
C GLN A 64 11.34 -26.07 12.37
N GLY A 65 10.96 -27.19 12.98
CA GLY A 65 10.60 -27.22 14.40
C GLY A 65 11.39 -28.25 15.17
N TRP A 66 10.67 -29.13 15.88
CA TRP A 66 11.28 -30.19 16.69
C TRP A 66 10.27 -31.33 16.77
N ASN A 67 10.69 -32.48 17.31
CA ASN A 67 9.78 -33.60 17.50
C ASN A 67 8.88 -33.35 18.70
N ILE A 68 7.62 -33.00 18.43
CA ILE A 68 6.69 -32.61 19.49
C ILE A 68 6.30 -33.83 20.30
N LYS A 69 6.33 -33.68 21.62
CA LYS A 69 5.90 -34.71 22.55
C LYS A 69 4.69 -34.22 23.34
N TYR A 70 3.75 -35.11 23.63
CA TYR A 70 2.62 -34.76 24.50
C TYR A 70 2.39 -35.83 25.55
N ASP A 71 1.78 -35.43 26.66
CA ASP A 71 1.36 -36.36 27.69
C ASP A 71 -0.02 -36.91 27.32
N PRO A 72 -0.12 -38.23 27.06
CA PRO A 72 -1.41 -38.81 26.69
C PRO A 72 -2.51 -38.53 27.74
N LEU A 73 -2.11 -38.33 28.99
CA LEU A 73 -3.05 -38.12 30.09
C LEU A 73 -3.53 -36.67 30.24
N LYS A 74 -3.06 -35.78 29.38
CA LYS A 74 -3.49 -34.38 29.41
C LYS A 74 -4.99 -34.23 29.15
N TYR A 75 -5.49 -35.02 28.22
CA TYR A 75 -6.91 -35.00 27.91
C TYR A 75 -7.60 -36.22 28.51
N ASN A 76 -8.78 -36.00 29.09
CA ASN A 76 -9.56 -37.05 29.73
C ASN A 76 -11.06 -36.74 29.63
N ALA A 77 -11.91 -37.58 30.22
CA ALA A 77 -13.37 -37.40 30.12
C ALA A 77 -13.81 -36.00 30.53
N HIS A 78 -13.12 -35.42 31.51
CA HIS A 78 -13.47 -34.11 32.04
C HIS A 78 -12.68 -32.98 31.39
N HIS A 79 -11.79 -33.32 30.47
CA HIS A 79 -11.02 -32.32 29.73
C HIS A 79 -10.68 -32.83 28.33
N LYS A 80 -11.62 -32.64 27.40
CA LYS A 80 -11.46 -33.14 26.04
C LYS A 80 -10.80 -32.11 25.13
N LEU A 81 -10.17 -32.60 24.07
CA LEU A 81 -9.68 -31.73 23.02
C LEU A 81 -10.79 -31.50 22.02
N LYS A 82 -11.17 -30.23 21.83
CA LYS A 82 -12.22 -29.86 20.89
C LYS A 82 -11.55 -29.43 19.59
N VAL A 83 -11.88 -30.11 18.50
CA VAL A 83 -11.20 -29.90 17.22
C VAL A 83 -12.18 -29.34 16.20
N PHE A 84 -11.84 -28.19 15.61
CA PHE A 84 -12.64 -27.60 14.56
C PHE A 84 -11.92 -27.70 13.22
N VAL A 85 -12.48 -28.50 12.32
CA VAL A 85 -11.94 -28.65 10.98
C VAL A 85 -12.66 -27.66 10.09
N VAL A 86 -11.92 -26.71 9.53
CA VAL A 86 -12.51 -25.57 8.85
C VAL A 86 -12.21 -25.62 7.36
N PRO A 87 -13.17 -26.09 6.55
CA PRO A 87 -12.93 -26.14 5.09
C PRO A 87 -12.80 -24.76 4.46
N HIS A 88 -11.86 -24.64 3.52
CA HIS A 88 -11.61 -23.34 2.87
C HIS A 88 -11.03 -23.53 1.49
N SER A 89 -11.06 -22.45 0.71
CA SER A 89 -10.54 -22.47 -0.64
C SER A 89 -9.92 -21.12 -0.92
N HIS A 90 -8.62 -21.10 -1.16
CA HIS A 90 -7.93 -19.84 -1.39
C HIS A 90 -8.06 -19.46 -2.86
N ASN A 91 -8.71 -18.32 -3.13
CA ASN A 91 -9.01 -17.89 -4.49
C ASN A 91 -8.36 -16.56 -4.83
N ASP A 92 -7.30 -16.61 -5.61
CA ASP A 92 -6.58 -15.39 -6.00
C ASP A 92 -7.35 -14.60 -7.04
N PRO A 93 -7.70 -13.33 -6.74
CA PRO A 93 -8.31 -12.42 -7.72
C PRO A 93 -7.28 -11.94 -8.74
N GLY A 94 -6.74 -12.89 -9.49
CA GLY A 94 -5.67 -12.67 -10.46
C GLY A 94 -4.36 -13.16 -9.87
N TRP A 95 -3.60 -13.87 -10.69
CA TRP A 95 -2.24 -14.30 -10.35
C TRP A 95 -1.60 -14.91 -11.59
N ILE A 96 -1.87 -16.18 -11.87
CA ILE A 96 -1.37 -16.74 -13.10
C ILE A 96 -2.42 -16.65 -14.22
N GLN A 97 -3.68 -16.49 -13.82
CA GLN A 97 -4.76 -16.10 -14.73
C GLN A 97 -5.35 -14.77 -14.26
N THR A 98 -6.13 -14.10 -15.10
CA THR A 98 -6.78 -12.88 -14.66
C THR A 98 -7.95 -13.21 -13.75
N PHE A 99 -8.48 -12.19 -13.08
CA PHE A 99 -9.68 -12.31 -12.28
C PHE A 99 -10.79 -13.00 -13.07
N GLU A 100 -11.04 -12.53 -14.28
CA GLU A 100 -12.15 -13.07 -15.06
C GLU A 100 -11.87 -14.50 -15.52
N GLU A 101 -10.64 -14.80 -15.88
CA GLU A 101 -10.27 -16.15 -16.29
C GLU A 101 -10.45 -17.13 -15.14
N TYR A 102 -9.93 -16.80 -13.96
CA TYR A 102 -10.13 -17.65 -12.80
C TYR A 102 -11.61 -17.77 -12.46
N TYR A 103 -12.35 -16.68 -12.57
CA TYR A 103 -13.76 -16.75 -12.25
C TYR A 103 -14.45 -17.78 -13.14
N GLN A 104 -14.17 -17.72 -14.44
CA GLN A 104 -14.86 -18.61 -15.38
C GLN A 104 -14.39 -20.05 -15.26
N HIS A 105 -13.09 -20.23 -14.99
CA HIS A 105 -12.50 -21.57 -15.00
C HIS A 105 -12.57 -22.30 -13.66
N ASP A 106 -12.59 -21.55 -12.57
CA ASP A 106 -12.48 -22.13 -11.24
C ASP A 106 -13.53 -21.63 -10.27
N THR A 107 -13.50 -20.33 -9.98
CA THR A 107 -14.22 -19.80 -8.81
C THR A 107 -15.73 -19.92 -8.93
N LYS A 108 -16.26 -19.70 -10.13
CA LYS A 108 -17.72 -19.81 -10.24
C LYS A 108 -18.19 -21.25 -9.95
N HIS A 109 -17.35 -22.23 -10.29
CA HIS A 109 -17.66 -23.62 -10.01
C HIS A 109 -17.52 -23.95 -8.54
N ILE A 110 -16.48 -23.41 -7.91
CA ILE A 110 -16.28 -23.58 -6.47
C ILE A 110 -17.50 -23.05 -5.71
N LEU A 111 -17.94 -21.84 -6.03
CA LEU A 111 -19.06 -21.25 -5.33
C LEU A 111 -20.38 -21.96 -5.65
N SER A 112 -20.58 -22.35 -6.90
CA SER A 112 -21.80 -23.06 -7.27
C SER A 112 -21.88 -24.38 -6.52
N ASN A 113 -20.76 -25.10 -6.45
CA ASN A 113 -20.77 -26.37 -5.75
C ASN A 113 -20.77 -26.23 -4.24
N ALA A 114 -20.23 -25.12 -3.71
CA ALA A 114 -20.36 -24.85 -2.28
C ALA A 114 -21.84 -24.66 -1.93
N LEU A 115 -22.54 -23.89 -2.75
CA LEU A 115 -23.94 -23.66 -2.49
C LEU A 115 -24.72 -24.97 -2.51
N ARG A 116 -24.49 -25.79 -3.53
CA ARG A 116 -25.17 -27.07 -3.65
C ARG A 116 -24.83 -27.99 -2.46
N HIS A 117 -23.54 -28.14 -2.17
CA HIS A 117 -23.13 -29.12 -1.16
CA HIS A 117 -23.09 -29.10 -1.17
C HIS A 117 -23.47 -28.71 0.26
N LEU A 118 -23.37 -27.42 0.58
CA LEU A 118 -23.77 -26.95 1.90
CA LEU A 118 -23.79 -26.95 1.90
C LEU A 118 -25.30 -27.06 2.08
N HIS A 119 -26.04 -26.69 1.04
CA HIS A 119 -27.50 -26.82 1.08
C HIS A 119 -27.88 -28.27 1.42
N ASP A 120 -27.23 -29.22 0.75
CA ASP A 120 -27.60 -30.65 0.89
C ASP A 120 -27.01 -31.35 2.10
N ASN A 121 -26.03 -30.75 2.75
CA ASN A 121 -25.32 -31.37 3.86
C ASN A 121 -25.23 -30.41 5.02
N PRO A 122 -26.28 -30.37 5.86
CA PRO A 122 -26.44 -29.34 6.89
C PRO A 122 -25.29 -29.19 7.90
N GLU A 123 -24.50 -30.24 8.09
CA GLU A 123 -23.38 -30.18 9.04
C GLU A 123 -22.07 -29.70 8.41
N MET A 124 -22.02 -29.64 7.08
CA MET A 124 -20.83 -29.18 6.39
C MET A 124 -20.70 -27.66 6.53
N LYS A 125 -19.44 -27.20 6.61
CA LYS A 125 -19.15 -25.76 6.76
CA LYS A 125 -19.11 -25.78 6.80
C LYS A 125 -18.10 -25.33 5.75
N PHE A 126 -17.97 -24.01 5.56
CA PHE A 126 -17.04 -23.47 4.56
C PHE A 126 -16.84 -22.02 4.91
N ILE A 127 -15.61 -21.54 4.80
CA ILE A 127 -15.36 -20.11 4.97
C ILE A 127 -14.93 -19.48 3.64
N TRP A 128 -15.24 -18.20 3.48
CA TRP A 128 -14.95 -17.47 2.24
C TRP A 128 -14.37 -16.10 2.57
N ALA A 129 -13.27 -15.74 1.88
CA ALA A 129 -12.56 -14.48 2.15
C ALA A 129 -12.76 -13.38 1.09
N GLU A 130 -12.72 -13.73 -0.19
CA GLU A 130 -12.57 -12.74 -1.26
C GLU A 130 -13.91 -12.27 -1.81
N ILE A 131 -14.35 -11.10 -1.37
CA ILE A 131 -15.69 -10.62 -1.73
C ILE A 131 -15.79 -10.18 -3.19
N SER A 132 -14.67 -9.78 -3.80
CA SER A 132 -14.69 -9.46 -5.22
C SER A 132 -15.31 -10.60 -6.03
N TYR A 133 -14.89 -11.84 -5.72
CA TYR A 133 -15.44 -13.03 -6.39
C TYR A 133 -16.86 -13.31 -5.95
N PHE A 134 -17.12 -13.23 -4.65
CA PHE A 134 -18.44 -13.60 -4.16
C PHE A 134 -19.50 -12.66 -4.72
N ALA A 135 -19.20 -11.36 -4.73
CA ALA A 135 -20.14 -10.37 -5.27
C ALA A 135 -20.48 -10.64 -6.72
N ARG A 136 -19.47 -10.98 -7.51
CA ARG A 136 -19.70 -11.31 -8.92
C ARG A 136 -20.65 -12.51 -8.99
N PHE A 137 -20.31 -13.57 -8.27
CA PHE A 137 -21.08 -14.80 -8.31
C PHE A 137 -22.52 -14.56 -7.90
N TYR A 138 -22.72 -13.88 -6.77
CA TYR A 138 -24.04 -13.67 -6.20
C TYR A 138 -24.91 -12.84 -7.13
N HIS A 139 -24.32 -11.79 -7.68
CA HIS A 139 -25.04 -10.91 -8.59
C HIS A 139 -25.64 -11.71 -9.74
N ASP A 140 -24.88 -12.68 -10.25
CA ASP A 140 -25.27 -13.48 -11.42
C ASP A 140 -26.25 -14.63 -11.14
N LEU A 141 -26.49 -14.92 -9.87
CA LEU A 141 -27.45 -15.95 -9.48
C LEU A 141 -28.88 -15.54 -9.70
N GLY A 142 -29.71 -16.51 -10.10
CA GLY A 142 -31.15 -16.33 -10.09
C GLY A 142 -31.66 -16.17 -8.68
N GLU A 143 -32.85 -15.62 -8.55
CA GLU A 143 -33.43 -15.32 -7.24
C GLU A 143 -33.55 -16.54 -6.32
N ASN A 144 -33.97 -17.69 -6.88
CA ASN A 144 -34.08 -18.92 -6.09
C ASN A 144 -32.77 -19.25 -5.39
N LYS A 145 -31.68 -19.21 -6.15
CA LYS A 145 -30.35 -19.52 -5.63
CA LYS A 145 -30.36 -19.53 -5.61
C LYS A 145 -29.81 -18.43 -4.69
N LYS A 146 -30.14 -17.17 -4.97
CA LYS A 146 -29.79 -16.09 -4.05
CA LYS A 146 -29.78 -16.08 -4.05
C LYS A 146 -30.37 -16.37 -2.68
N LEU A 147 -31.63 -16.80 -2.64
CA LEU A 147 -32.30 -17.12 -1.39
C LEU A 147 -31.67 -18.32 -0.69
N GLN A 148 -31.31 -19.35 -1.46
CA GLN A 148 -30.59 -20.50 -0.90
C GLN A 148 -29.26 -20.07 -0.29
N MET A 149 -28.57 -19.16 -0.96
CA MET A 149 -27.29 -18.65 -0.48
C MET A 149 -27.47 -17.88 0.83
N LYS A 150 -28.45 -16.98 0.87
CA LYS A 150 -28.74 -16.22 2.08
C LYS A 150 -29.03 -17.14 3.25
N SER A 151 -29.69 -18.28 2.98
CA SER A 151 -30.07 -19.21 4.04
CA SER A 151 -30.07 -19.23 4.02
C SER A 151 -28.86 -19.95 4.63
N ILE A 152 -27.91 -20.38 3.78
CA ILE A 152 -26.71 -21.05 4.31
C ILE A 152 -25.73 -20.10 5.01
N VAL A 153 -25.84 -18.81 4.70
CA VAL A 153 -25.12 -17.78 5.47
C VAL A 153 -25.83 -17.51 6.80
N LYS A 154 -27.14 -17.31 6.75
CA LYS A 154 -27.91 -17.02 7.96
C LYS A 154 -27.81 -18.16 8.98
N ASN A 155 -27.79 -19.41 8.50
CA ASN A 155 -27.70 -20.58 9.38
C ASN A 155 -26.27 -20.96 9.81
N GLY A 156 -25.28 -20.20 9.35
CA GLY A 156 -23.90 -20.36 9.81
C GLY A 156 -23.05 -21.41 9.12
N GLN A 157 -23.56 -22.01 8.04
CA GLN A 157 -22.78 -22.98 7.30
C GLN A 157 -21.67 -22.35 6.47
N LEU A 158 -22.03 -21.27 5.75
CA LEU A 158 -21.05 -20.50 5.02
CA LEU A 158 -21.07 -20.49 5.01
C LEU A 158 -20.76 -19.24 5.80
N GLU A 159 -19.49 -19.04 6.13
CA GLU A 159 -19.09 -17.90 6.93
C GLU A 159 -18.06 -17.07 6.19
N PHE A 160 -18.29 -15.76 6.14
CA PHE A 160 -17.34 -14.84 5.57
C PHE A 160 -16.30 -14.48 6.59
N VAL A 161 -15.05 -14.54 6.16
CA VAL A 161 -13.91 -14.22 7.00
C VAL A 161 -13.22 -13.00 6.39
N THR A 162 -12.92 -12.02 7.25
CA THR A 162 -12.47 -10.67 6.86
C THR A 162 -13.54 -9.88 6.11
N GLY A 163 -13.91 -10.37 4.93
CA GLY A 163 -14.93 -9.72 4.14
C GLY A 163 -14.42 -8.55 3.33
N GLY A 164 -13.11 -8.49 3.09
CA GLY A 164 -12.58 -7.49 2.18
C GLY A 164 -12.79 -7.87 0.73
N TRP A 165 -12.65 -6.90 -0.15
CA TRP A 165 -12.72 -7.16 -1.57
C TRP A 165 -11.70 -8.22 -1.96
N VAL A 166 -10.53 -8.16 -1.32
CA VAL A 166 -9.42 -9.08 -1.55
C VAL A 166 -8.80 -9.45 -0.20
N MET A 167 -7.77 -10.32 -0.25
CA MET A 167 -6.89 -10.57 0.88
C MET A 167 -5.61 -9.80 0.56
N PRO A 168 -5.46 -8.57 1.11
CA PRO A 168 -4.45 -7.69 0.59
C PRO A 168 -3.04 -7.99 1.00
N ASP A 169 -2.10 -7.58 0.15
CA ASP A 169 -0.72 -7.42 0.55
C ASP A 169 -0.67 -6.53 1.79
N GLU A 170 0.28 -6.81 2.67
CA GLU A 170 0.47 -5.99 3.87
C GLU A 170 1.78 -5.18 3.87
N ALA A 171 2.63 -5.40 2.88
CA ALA A 171 3.92 -4.71 2.83
C ALA A 171 3.88 -3.42 2.04
N ASN A 172 3.31 -3.47 0.84
CA ASN A 172 3.37 -2.32 -0.08
C ASN A 172 2.13 -1.45 -0.01
N SER A 173 1.03 -2.02 0.49
CA SER A 173 -0.26 -1.36 0.49
C SER A 173 -0.28 -0.16 1.43
N HIS A 174 -0.93 0.90 1.01
CA HIS A 174 -1.14 2.04 1.88
C HIS A 174 -2.35 1.75 2.76
N TRP A 175 -2.29 2.15 4.03
CA TRP A 175 -3.39 1.91 4.95
C TRP A 175 -4.71 2.40 4.40
N ARG A 176 -4.69 3.51 3.66
CA ARG A 176 -5.92 4.08 3.10
CA ARG A 176 -5.93 4.06 3.14
C ARG A 176 -6.57 3.10 2.14
N ASN A 177 -5.73 2.37 1.40
CA ASN A 177 -6.27 1.40 0.44
C ASN A 177 -6.63 0.07 1.06
N VAL A 178 -5.96 -0.28 2.15
CA VAL A 178 -6.36 -1.45 2.93
C VAL A 178 -7.78 -1.20 3.47
N LEU A 179 -8.01 0.01 4.00
CA LEU A 179 -9.33 0.36 4.50
C LEU A 179 -10.33 0.40 3.35
N LEU A 180 -9.94 0.97 2.20
CA LEU A 180 -10.84 1.09 1.06
C LEU A 180 -11.37 -0.29 0.67
N GLN A 181 -10.46 -1.26 0.54
CA GLN A 181 -10.87 -2.56 0.05
C GLN A 181 -11.69 -3.31 1.10
N LEU A 182 -11.36 -3.13 2.37
CA LEU A 182 -12.14 -3.70 3.45
C LEU A 182 -13.57 -3.17 3.43
N THR A 183 -13.69 -1.87 3.24
CA THR A 183 -14.99 -1.21 3.21
C THR A 183 -15.78 -1.65 1.99
N GLU A 184 -15.12 -1.81 0.85
CA GLU A 184 -15.85 -2.23 -0.35
C GLU A 184 -16.48 -3.62 -0.14
N GLY A 185 -15.70 -4.56 0.40
CA GLY A 185 -16.25 -5.90 0.62
C GLY A 185 -17.31 -5.91 1.71
N GLN A 186 -17.07 -5.21 2.80
CA GLN A 186 -17.99 -5.27 3.92
C GLN A 186 -19.28 -4.52 3.65
N THR A 187 -19.20 -3.45 2.87
CA THR A 187 -20.42 -2.72 2.51
C THR A 187 -21.31 -3.62 1.65
N TRP A 188 -20.70 -4.34 0.73
CA TRP A 188 -21.43 -5.29 -0.09
C TRP A 188 -22.07 -6.37 0.79
N LEU A 189 -21.28 -6.93 1.71
CA LEU A 189 -21.80 -7.99 2.58
C LEU A 189 -22.95 -7.50 3.44
N LYS A 190 -22.89 -6.28 3.95
CA LYS A 190 -23.95 -5.80 4.81
C LYS A 190 -25.22 -5.66 3.97
N GLN A 191 -25.10 -5.10 2.78
CA GLN A 191 -26.26 -4.85 1.93
C GLN A 191 -26.94 -6.14 1.49
N PHE A 192 -26.15 -7.10 1.00
CA PHE A 192 -26.72 -8.31 0.38
C PHE A 192 -26.81 -9.53 1.27
N MET A 193 -25.88 -9.69 2.20
CA MET A 193 -25.85 -10.88 3.07
C MET A 193 -26.26 -10.56 4.51
N ASN A 194 -26.40 -9.28 4.84
CA ASN A 194 -26.74 -8.86 6.20
C ASN A 194 -25.76 -9.39 7.27
N VAL A 195 -24.47 -9.38 6.95
CA VAL A 195 -23.46 -9.83 7.91
C VAL A 195 -22.24 -8.94 7.81
N THR A 196 -21.56 -8.79 8.94
CA THR A 196 -20.28 -8.09 9.04
C THR A 196 -19.31 -8.97 9.82
N PRO A 197 -18.31 -9.56 9.12
CA PRO A 197 -17.35 -10.42 9.80
C PRO A 197 -16.60 -9.70 10.90
N THR A 198 -16.31 -10.41 11.98
CA THR A 198 -15.49 -9.89 13.07
C THR A 198 -14.23 -10.72 13.27
N ALA A 199 -14.03 -11.72 12.42
CA ALA A 199 -12.79 -12.51 12.42
C ALA A 199 -12.13 -12.37 11.07
N SER A 200 -10.83 -12.14 11.07
CA SER A 200 -10.05 -11.99 9.84
C SER A 200 -9.20 -13.22 9.59
N TRP A 201 -9.04 -13.54 8.31
CA TRP A 201 -8.29 -14.70 7.82
C TRP A 201 -7.30 -14.20 6.78
N ALA A 202 -6.02 -14.18 7.15
CA ALA A 202 -4.96 -13.72 6.24
C ALA A 202 -3.87 -14.78 6.14
N ILE A 203 -4.15 -15.80 5.33
CA ILE A 203 -3.25 -16.94 5.23
C ILE A 203 -2.12 -16.77 4.22
N ALA A 204 -2.25 -15.76 3.36
CA ALA A 204 -1.39 -15.67 2.18
C ALA A 204 -0.41 -14.48 2.03
N PRO A 205 -0.68 -13.29 2.62
CA PRO A 205 0.27 -12.19 2.39
C PRO A 205 1.69 -12.55 2.84
N PHE A 206 2.69 -11.96 2.20
CA PHE A 206 4.07 -12.43 2.37
C PHE A 206 4.74 -11.68 3.52
N GLY A 207 4.36 -12.06 4.74
CA GLY A 207 4.67 -11.27 5.92
C GLY A 207 3.46 -10.43 6.31
N HIS A 208 3.47 -9.97 7.56
CA HIS A 208 2.29 -9.35 8.15
C HIS A 208 2.61 -8.06 8.88
N SER A 209 1.69 -7.11 8.77
CA SER A 209 1.85 -5.77 9.32
C SER A 209 0.88 -5.49 10.45
N PRO A 210 1.32 -4.77 11.50
CA PRO A 210 0.39 -4.37 12.56
C PRO A 210 -0.65 -3.34 12.10
N THR A 211 -0.50 -2.81 10.89
CA THR A 211 -1.55 -1.96 10.34
C THR A 211 -2.86 -2.70 10.22
N MET A 212 -2.77 -4.01 9.97
CA MET A 212 -4.00 -4.81 9.88
C MET A 212 -4.81 -4.84 11.17
N PRO A 213 -4.23 -5.31 12.29
CA PRO A 213 -5.04 -5.24 13.53
C PRO A 213 -5.45 -3.80 13.87
N TYR A 214 -4.64 -2.81 13.52
CA TYR A 214 -5.01 -1.42 13.78
C TYR A 214 -6.34 -1.09 13.10
N ILE A 215 -6.45 -1.35 11.80
CA ILE A 215 -7.66 -1.05 11.05
C ILE A 215 -8.80 -1.97 11.46
N LEU A 216 -8.50 -3.26 11.62
CA LEU A 216 -9.53 -4.23 11.96
C LEU A 216 -10.19 -3.94 13.30
N GLN A 217 -9.37 -3.62 14.30
CA GLN A 217 -9.90 -3.35 15.64
C GLN A 217 -10.81 -2.10 15.63
N LYS A 218 -10.54 -1.16 14.74
CA LYS A 218 -11.34 0.06 14.63
C LYS A 218 -12.51 -0.14 13.65
N SER A 219 -12.65 -1.37 13.17
CA SER A 219 -13.71 -1.76 12.23
C SER A 219 -14.56 -2.90 12.78
N GLY A 220 -14.55 -3.05 14.12
CA GLY A 220 -15.43 -4.00 14.79
C GLY A 220 -14.88 -5.40 14.98
N PHE A 221 -13.67 -5.66 14.51
CA PHE A 221 -13.13 -7.02 14.62
C PHE A 221 -12.72 -7.38 16.02
N LYS A 222 -12.78 -8.69 16.29
CA LYS A 222 -12.40 -9.22 17.59
CA LYS A 222 -12.43 -9.25 17.59
C LYS A 222 -11.27 -10.24 17.50
N ASN A 223 -11.01 -10.77 16.32
CA ASN A 223 -10.00 -11.81 16.17
C ASN A 223 -9.38 -11.79 14.80
N MET A 224 -8.13 -12.22 14.68
CA MET A 224 -7.52 -12.38 13.36
C MET A 224 -6.55 -13.55 13.33
N LEU A 225 -6.29 -14.05 12.12
CA LEU A 225 -5.40 -15.17 11.92
C LEU A 225 -4.39 -14.81 10.84
N ILE A 226 -3.15 -15.20 11.07
CA ILE A 226 -2.05 -14.99 10.15
C ILE A 226 -1.25 -16.28 9.96
N GLN A 227 -0.51 -16.34 8.86
CA GLN A 227 0.25 -17.55 8.52
C GLN A 227 1.71 -17.31 8.09
N ARG A 228 1.96 -16.36 7.20
CA ARG A 228 3.28 -16.29 6.60
C ARG A 228 4.21 -15.44 7.40
N THR A 229 4.80 -16.07 8.42
CA THR A 229 5.82 -15.44 9.24
C THR A 229 7.07 -16.29 9.17
N HIS A 230 8.20 -15.67 9.45
CA HIS A 230 9.50 -16.30 9.36
C HIS A 230 9.49 -17.62 10.12
N TYR A 231 10.06 -18.66 9.50
CA TYR A 231 10.07 -19.98 10.15
C TYR A 231 10.75 -19.97 11.52
N SER A 232 11.74 -19.09 11.71
CA SER A 232 12.41 -19.03 13.01
C SER A 232 11.50 -18.41 14.07
N VAL A 233 10.66 -17.47 13.65
CA VAL A 233 9.67 -16.86 14.54
C VAL A 233 8.60 -17.90 14.95
N LYS A 234 8.10 -18.67 13.99
CA LYS A 234 7.16 -19.74 14.30
C LYS A 234 7.75 -20.68 15.36
N LYS A 235 9.02 -21.07 15.17
CA LYS A 235 9.65 -22.01 16.11
C LYS A 235 9.74 -21.40 17.50
N GLU A 236 10.21 -20.16 17.56
CA GLU A 236 10.41 -19.47 18.84
C GLU A 236 9.09 -19.28 19.60
N LEU A 237 8.08 -18.80 18.90
CA LEU A 237 6.79 -18.59 19.55
C LEU A 237 6.13 -19.92 19.90
N ALA A 238 6.27 -20.92 19.05
CA ALA A 238 5.69 -22.24 19.34
C ALA A 238 6.27 -22.81 20.63
N GLN A 239 7.58 -22.67 20.81
CA GLN A 239 8.26 -23.21 21.98
C GLN A 239 7.73 -22.60 23.28
N GLN A 240 7.25 -21.36 23.20
CA GLN A 240 6.77 -20.62 24.37
C GLN A 240 5.24 -20.55 24.42
N ARG A 241 4.59 -21.27 23.51
CA ARG A 241 3.13 -21.20 23.36
C ARG A 241 2.66 -19.75 23.27
N GLN A 242 3.33 -19.02 22.38
CA GLN A 242 3.03 -17.60 22.14
C GLN A 242 2.52 -17.38 20.71
N LEU A 243 1.92 -18.41 20.12
CA LEU A 243 1.37 -18.29 18.76
C LEU A 243 0.01 -17.61 18.76
N GLU A 244 -0.65 -17.53 19.92
CA GLU A 244 -1.85 -16.73 20.08
C GLU A 244 -1.50 -15.60 21.02
N PHE A 245 -1.81 -14.37 20.62
CA PHE A 245 -1.36 -13.21 21.37
C PHE A 245 -2.28 -12.04 21.14
N LEU A 246 -2.24 -11.08 22.06
CA LEU A 246 -2.95 -9.83 21.92
C LEU A 246 -2.02 -8.84 21.24
N TRP A 247 -2.28 -8.59 19.97
CA TRP A 247 -1.38 -7.80 19.15
C TRP A 247 -1.77 -6.34 19.27
N ARG A 248 -0.91 -5.56 19.94
CA ARG A 248 -1.15 -4.13 20.09
C ARG A 248 -0.15 -3.33 19.25
N GLN A 249 -0.45 -2.06 19.02
CA GLN A 249 0.47 -1.18 18.29
C GLN A 249 1.72 -0.89 19.10
N ILE A 250 2.83 -0.64 18.41
CA ILE A 250 4.13 -0.49 19.07
C ILE A 250 4.20 0.66 20.08
N TRP A 251 3.36 1.66 19.91
CA TRP A 251 3.35 2.84 20.79
C TRP A 251 2.28 2.76 21.88
N ASP A 252 1.43 1.74 21.83
CA ASP A 252 0.24 1.67 22.67
C ASP A 252 0.55 1.18 24.08
N ASN A 253 0.61 2.10 25.03
CA ASN A 253 0.96 1.73 26.39
C ASN A 253 -0.17 1.06 27.16
N LYS A 254 -1.39 1.50 26.89
CA LYS A 254 -2.57 1.02 27.62
C LYS A 254 -3.05 -0.32 27.08
N GLY A 255 -3.00 -0.47 25.76
CA GLY A 255 -3.42 -1.72 25.12
C GLY A 255 -4.78 -1.68 24.45
N ASP A 256 -5.38 -0.49 24.30
CA ASP A 256 -6.71 -0.39 23.69
C ASP A 256 -6.77 -0.74 22.21
N THR A 257 -5.61 -0.79 21.55
CA THR A 257 -5.54 -1.21 20.15
C THR A 257 -5.47 -2.73 19.99
N ALA A 258 -5.30 -3.46 21.09
CA ALA A 258 -5.04 -4.90 21.03
C ALA A 258 -6.11 -5.71 20.30
N LEU A 259 -5.64 -6.63 19.46
CA LEU A 259 -6.52 -7.57 18.78
C LEU A 259 -5.99 -8.98 18.93
N PHE A 260 -6.85 -9.89 19.35
CA PHE A 260 -6.45 -11.28 19.50
C PHE A 260 -6.05 -11.87 18.15
N THR A 261 -4.86 -12.43 18.10
CA THR A 261 -4.26 -12.93 16.88
C THR A 261 -3.81 -14.37 17.06
N HIS A 262 -4.16 -15.21 16.08
CA HIS A 262 -3.70 -16.59 15.99
C HIS A 262 -2.71 -16.72 14.85
N MET A 263 -1.48 -17.09 15.15
CA MET A 263 -0.49 -17.42 14.13
C MET A 263 -0.45 -18.92 13.94
N MET A 264 -0.61 -19.36 12.69
CA MET A 264 -0.50 -20.79 12.36
C MET A 264 0.96 -21.21 12.48
N PRO A 265 1.22 -22.46 12.89
CA PRO A 265 2.59 -22.81 13.28
C PRO A 265 3.52 -23.36 12.23
N PHE A 266 2.98 -23.81 11.10
CA PHE A 266 3.73 -24.60 10.14
C PHE A 266 4.03 -23.89 8.83
N TYR A 267 4.70 -24.58 7.93
CA TYR A 267 5.28 -23.96 6.75
C TYR A 267 4.25 -23.46 5.73
N SER A 268 3.09 -24.08 5.69
CA SER A 268 2.08 -23.74 4.69
C SER A 268 0.68 -23.82 5.28
N TYR A 269 -0.29 -23.24 4.58
CA TYR A 269 -1.69 -23.39 4.93
C TYR A 269 -2.38 -24.57 4.24
N ASP A 270 -1.62 -25.34 3.44
CA ASP A 270 -2.19 -26.49 2.76
C ASP A 270 -2.45 -27.64 3.74
N ILE A 271 -3.18 -28.65 3.30
CA ILE A 271 -3.57 -29.73 4.20
C ILE A 271 -2.37 -30.47 4.82
N PRO A 272 -1.34 -30.79 4.00
CA PRO A 272 -0.16 -31.44 4.61
C PRO A 272 0.48 -30.66 5.76
N HIS A 273 0.28 -29.35 5.83
CA HIS A 273 0.91 -28.55 6.88
C HIS A 273 -0.08 -27.89 7.83
N THR A 274 -1.30 -28.44 7.90
CA THR A 274 -2.28 -27.90 8.83
C THR A 274 -2.88 -28.94 9.80
N CYS A 275 -2.64 -30.22 9.59
CA CYS A 275 -3.19 -31.22 10.51
C CYS A 275 -2.30 -31.46 11.74
N GLY A 276 -1.01 -31.15 11.61
CA GLY A 276 -0.02 -31.47 12.63
C GLY A 276 1.35 -31.32 12.01
N PRO A 277 2.40 -31.66 12.79
CA PRO A 277 3.78 -31.41 12.40
C PRO A 277 4.39 -32.28 11.31
N ASP A 278 3.77 -33.42 10.99
CA ASP A 278 4.35 -34.36 10.02
C ASP A 278 3.58 -34.37 8.71
N PRO A 279 4.11 -33.71 7.68
CA PRO A 279 3.35 -33.62 6.44
C PRO A 279 3.17 -34.96 5.72
N LYS A 280 4.05 -35.93 5.97
CA LYS A 280 3.88 -37.26 5.37
C LYS A 280 2.60 -37.91 5.87
N VAL A 281 2.25 -37.62 7.13
CA VAL A 281 1.00 -38.10 7.70
C VAL A 281 -0.20 -37.25 7.27
N CYS A 282 -0.10 -35.93 7.43
CA CYS A 282 -1.21 -35.03 7.10
C CYS A 282 -1.64 -35.13 5.64
N CYS A 283 -0.68 -35.37 4.74
CA CYS A 283 -1.01 -35.51 3.33
C CYS A 283 -1.97 -36.66 3.06
N GLN A 284 -1.94 -37.69 3.91
CA GLN A 284 -2.84 -38.83 3.79
C GLN A 284 -4.27 -38.49 4.17
N PHE A 285 -4.49 -37.26 4.64
CA PHE A 285 -5.80 -36.82 5.01
C PHE A 285 -6.27 -35.66 4.13
N ASP A 286 -5.61 -35.54 2.99
CA ASP A 286 -6.08 -34.69 1.91
C ASP A 286 -6.64 -35.65 0.86
N PHE A 287 -7.94 -35.86 0.90
CA PHE A 287 -8.51 -36.94 0.10
C PHE A 287 -8.64 -36.62 -1.38
N LYS A 288 -8.21 -35.42 -1.77
CA LYS A 288 -8.08 -35.09 -3.19
C LYS A 288 -6.81 -35.67 -3.81
N ARG A 289 -5.94 -36.28 -3.01
CA ARG A 289 -4.63 -36.71 -3.51
C ARG A 289 -4.48 -38.22 -3.81
N MET A 290 -5.59 -38.90 -4.11
CA MET A 290 -5.52 -40.36 -4.36
C MET A 290 -5.24 -40.74 -5.83
N GLY A 291 -5.36 -39.78 -6.75
CA GLY A 291 -4.97 -40.00 -8.15
C GLY A 291 -5.87 -39.41 -9.24
N SER A 292 -7.17 -39.62 -9.10
CA SER A 292 -8.14 -39.23 -10.15
C SER A 292 -8.24 -37.73 -10.39
N PHE A 293 -7.80 -36.94 -9.41
CA PHE A 293 -7.79 -35.48 -9.52
C PHE A 293 -6.47 -34.93 -10.01
N GLY A 294 -5.54 -35.81 -10.32
CA GLY A 294 -4.23 -35.39 -10.79
C GLY A 294 -3.30 -34.82 -9.73
N LEU A 295 -3.57 -35.15 -8.47
CA LEU A 295 -2.71 -34.74 -7.37
C LEU A 295 -2.13 -35.97 -6.69
N SER A 296 -0.97 -35.80 -6.06
CA SER A 296 -0.33 -36.85 -5.31
C SER A 296 0.33 -36.27 -4.06
N CYS A 297 0.88 -37.15 -3.24
CA CYS A 297 1.62 -36.76 -2.04
C CYS A 297 3.12 -36.81 -2.29
N PRO A 298 3.82 -35.67 -2.18
CA PRO A 298 5.28 -35.62 -2.30
C PRO A 298 6.00 -36.62 -1.41
N TRP A 299 5.39 -36.98 -0.28
CA TRP A 299 6.03 -37.85 0.71
C TRP A 299 5.79 -39.33 0.43
N LYS A 300 5.12 -39.58 -0.70
CA LYS A 300 5.02 -40.91 -1.32
C LYS A 300 4.12 -41.90 -0.58
N VAL A 301 3.33 -41.40 0.36
CA VAL A 301 2.30 -42.22 0.98
C VAL A 301 0.95 -41.58 0.67
N PRO A 302 0.13 -42.25 -0.15
CA PRO A 302 -1.12 -41.63 -0.58
C PRO A 302 -2.21 -41.70 0.51
N PRO A 303 -3.24 -40.86 0.39
CA PRO A 303 -4.42 -41.07 1.22
C PRO A 303 -5.10 -42.37 0.83
N ARG A 304 -5.80 -42.97 1.78
CA ARG A 304 -6.62 -44.14 1.51
C ARG A 304 -8.02 -43.83 2.00
N THR A 305 -9.00 -44.29 1.22
CA THR A 305 -10.40 -44.15 1.59
C THR A 305 -10.61 -44.74 2.99
N ILE A 306 -11.31 -44.00 3.84
CA ILE A 306 -11.59 -44.48 5.19
C ILE A 306 -12.67 -45.55 5.12
N SER A 307 -12.40 -46.68 5.78
CA SER A 307 -13.31 -47.81 5.81
C SER A 307 -13.44 -48.27 7.25
N ASP A 308 -14.39 -49.17 7.52
CA ASP A 308 -14.49 -49.74 8.85
C ASP A 308 -13.24 -50.51 9.28
N GLN A 309 -12.50 -51.08 8.32
CA GLN A 309 -11.31 -51.87 8.65
CA GLN A 309 -11.30 -51.88 8.60
C GLN A 309 -10.05 -51.05 8.85
N ASN A 310 -10.02 -49.81 8.37
CA ASN A 310 -8.85 -48.97 8.59
C ASN A 310 -9.10 -47.75 9.48
N VAL A 311 -10.35 -47.48 9.85
CA VAL A 311 -10.67 -46.21 10.54
C VAL A 311 -9.95 -46.09 11.85
N ALA A 312 -9.75 -47.20 12.56
CA ALA A 312 -9.06 -47.14 13.85
C ALA A 312 -7.60 -46.73 13.70
N ALA A 313 -6.88 -47.35 12.77
CA ALA A 313 -5.48 -47.03 12.53
C ALA A 313 -5.36 -45.61 11.97
N ARG A 314 -6.25 -45.25 11.05
CA ARG A 314 -6.25 -43.90 10.46
C ARG A 314 -6.51 -42.85 11.53
N SER A 315 -7.50 -43.10 12.40
CA SER A 315 -7.80 -42.18 13.50
C SER A 315 -6.65 -42.07 14.49
N ASP A 316 -6.01 -43.20 14.81
CA ASP A 316 -4.80 -43.18 15.67
C ASP A 316 -3.81 -42.15 15.13
N LEU A 317 -3.52 -42.24 13.83
CA LEU A 317 -2.52 -41.38 13.20
C LEU A 317 -2.94 -39.92 13.22
N LEU A 318 -4.21 -39.67 12.90
CA LEU A 318 -4.70 -38.30 12.78
C LEU A 318 -4.78 -37.64 14.15
N VAL A 319 -5.34 -38.33 15.13
CA VAL A 319 -5.46 -37.77 16.47
C VAL A 319 -4.09 -37.48 17.07
N ASP A 320 -3.10 -38.34 16.79
CA ASP A 320 -1.72 -38.12 17.23
C ASP A 320 -1.16 -36.80 16.65
N GLN A 321 -1.43 -36.54 15.36
CA GLN A 321 -1.05 -35.25 14.76
C GLN A 321 -1.75 -34.09 15.45
N TRP A 322 -3.06 -34.20 15.66
CA TRP A 322 -3.81 -33.15 16.32
C TRP A 322 -3.29 -32.84 17.71
N LYS A 323 -3.00 -33.88 18.48
CA LYS A 323 -2.53 -33.68 19.85
C LYS A 323 -1.13 -33.07 19.90
N LYS A 324 -0.32 -33.39 18.90
CA LYS A 324 0.97 -32.71 18.75
C LYS A 324 0.78 -31.23 18.44
N LYS A 325 -0.08 -30.92 17.47
CA LYS A 325 -0.36 -29.50 17.16
C LYS A 325 -0.90 -28.78 18.38
N ALA A 326 -1.77 -29.43 19.16
CA ALA A 326 -2.38 -28.82 20.34
C ALA A 326 -1.34 -28.45 21.41
N GLU A 327 -0.21 -29.15 21.40
CA GLU A 327 0.88 -28.82 22.33
C GLU A 327 1.44 -27.41 22.16
N LEU A 328 1.21 -26.83 20.98
CA LEU A 328 1.78 -25.53 20.63
C LEU A 328 0.89 -24.38 21.10
N TYR A 329 -0.29 -24.69 21.62
CA TYR A 329 -1.30 -23.69 22.00
C TYR A 329 -1.77 -23.90 23.43
N ARG A 330 -2.44 -22.89 23.99
CA ARG A 330 -2.75 -22.85 25.42
C ARG A 330 -4.12 -23.38 25.82
N THR A 331 -5.06 -23.50 24.88
CA THR A 331 -6.39 -24.00 25.24
C THR A 331 -6.61 -25.42 24.74
N ASN A 332 -7.76 -25.99 25.09
CA ASN A 332 -8.17 -27.31 24.62
C ASN A 332 -9.05 -27.21 23.38
N VAL A 333 -8.91 -26.12 22.63
CA VAL A 333 -9.67 -25.90 21.41
C VAL A 333 -8.66 -25.78 20.29
N LEU A 334 -8.78 -26.62 19.26
CA LEU A 334 -7.79 -26.73 18.21
C LEU A 334 -8.37 -26.37 16.84
N LEU A 335 -7.66 -25.52 16.10
CA LEU A 335 -8.05 -25.14 14.76
C LEU A 335 -7.32 -26.01 13.73
N ILE A 336 -8.09 -26.65 12.85
CA ILE A 336 -7.54 -27.45 11.76
C ILE A 336 -8.12 -26.93 10.43
N PRO A 337 -7.41 -26.00 9.78
CA PRO A 337 -7.85 -25.59 8.44
C PRO A 337 -7.81 -26.79 7.48
N LEU A 338 -8.79 -26.86 6.58
CA LEU A 338 -8.85 -27.93 5.59
C LEU A 338 -9.07 -27.35 4.21
N GLY A 339 -7.97 -27.04 3.53
CA GLY A 339 -8.11 -26.43 2.21
C GLY A 339 -6.78 -26.12 1.57
N ASP A 340 -6.85 -25.49 0.41
CA ASP A 340 -5.69 -25.12 -0.38
C ASP A 340 -6.20 -24.25 -1.52
N ASP A 341 -5.32 -23.92 -2.45
CA ASP A 341 -5.65 -22.96 -3.51
C ASP A 341 -6.68 -23.53 -4.49
N PHE A 342 -7.72 -22.76 -4.72
CA PHE A 342 -8.77 -23.13 -5.67
C PHE A 342 -9.32 -24.54 -5.42
N ARG A 343 -9.44 -24.88 -4.15
CA ARG A 343 -10.02 -26.18 -3.77
C ARG A 343 -11.54 -26.12 -3.78
N PHE A 344 -12.14 -27.30 -3.69
CA PHE A 344 -13.60 -27.48 -3.63
C PHE A 344 -14.31 -27.04 -4.92
N LYS A 345 -13.68 -27.37 -6.05
CA LYS A 345 -14.18 -27.00 -7.38
C LYS A 345 -15.21 -27.95 -7.96
N GLN A 346 -15.02 -29.24 -7.71
CA GLN A 346 -15.86 -30.29 -8.26
C GLN A 346 -16.70 -30.93 -7.17
N ASN A 347 -17.92 -31.32 -7.53
CA ASN A 347 -18.79 -32.05 -6.62
C ASN A 347 -18.13 -33.27 -6.00
N THR A 348 -17.37 -34.01 -6.82
CA THR A 348 -16.68 -35.21 -6.35
C THR A 348 -15.63 -34.91 -5.29
N GLU A 349 -15.03 -33.72 -5.36
CA GLU A 349 -14.06 -33.30 -4.34
C GLU A 349 -14.74 -32.97 -3.02
N TRP A 350 -15.87 -32.27 -3.09
CA TRP A 350 -16.67 -32.04 -1.89
C TRP A 350 -17.00 -33.36 -1.22
N ASP A 351 -17.45 -34.33 -2.00
CA ASP A 351 -17.83 -35.64 -1.47
C ASP A 351 -16.66 -36.36 -0.84
N VAL A 352 -15.54 -36.41 -1.54
CA VAL A 352 -14.43 -37.21 -1.07
C VAL A 352 -13.87 -36.65 0.25
N GLN A 353 -13.82 -35.32 0.39
CA GLN A 353 -13.34 -34.75 1.66
C GLN A 353 -14.37 -34.94 2.75
N ARG A 354 -15.63 -34.58 2.49
CA ARG A 354 -16.68 -34.66 3.51
C ARG A 354 -16.90 -36.08 4.03
N VAL A 355 -17.06 -37.05 3.12
CA VAL A 355 -17.45 -38.40 3.55
C VAL A 355 -16.33 -39.05 4.37
N ASN A 356 -15.10 -38.85 3.96
CA ASN A 356 -13.98 -39.43 4.69
C ASN A 356 -13.78 -38.80 6.07
N TYR A 357 -13.88 -37.47 6.14
CA TYR A 357 -13.81 -36.79 7.43
C TYR A 357 -14.98 -37.16 8.34
N GLU A 358 -16.18 -37.29 7.78
CA GLU A 358 -17.33 -37.70 8.59
C GLU A 358 -17.10 -39.10 9.20
N ARG A 359 -16.49 -40.02 8.44
CA ARG A 359 -16.20 -41.35 8.98
C ARG A 359 -15.19 -41.26 10.11
N LEU A 360 -14.19 -40.40 9.95
CA LEU A 360 -13.21 -40.20 11.00
C LEU A 360 -13.85 -39.61 12.25
N PHE A 361 -14.69 -38.57 12.08
CA PHE A 361 -15.35 -37.94 13.22
C PHE A 361 -16.21 -38.94 13.98
N GLU A 362 -16.98 -39.75 13.26
CA GLU A 362 -17.87 -40.70 13.90
C GLU A 362 -17.08 -41.69 14.77
N HIS A 363 -15.97 -42.19 14.23
CA HIS A 363 -15.10 -43.08 15.01
C HIS A 363 -14.43 -42.37 16.18
N ILE A 364 -13.77 -41.26 15.91
CA ILE A 364 -13.01 -40.56 16.93
C ILE A 364 -13.92 -40.13 18.08
N ASN A 365 -15.07 -39.56 17.76
CA ASN A 365 -15.96 -39.02 18.78
C ASN A 365 -16.61 -40.09 19.64
N SER A 366 -16.63 -41.33 19.14
CA SER A 366 -17.25 -42.45 19.86
C SER A 366 -16.25 -43.29 20.66
N GLN A 367 -14.97 -42.99 20.49
CA GLN A 367 -13.91 -43.74 21.17
C GLN A 367 -13.40 -42.92 22.33
N ALA A 368 -13.87 -43.25 23.53
CA ALA A 368 -13.56 -42.47 24.73
C ALA A 368 -12.06 -42.27 24.95
N HIS A 369 -11.25 -43.28 24.63
CA HIS A 369 -9.82 -43.23 24.90
C HIS A 369 -9.10 -42.04 24.24
N PHE A 370 -9.64 -41.53 23.13
CA PHE A 370 -9.07 -40.35 22.47
C PHE A 370 -9.34 -39.06 23.23
N ASN A 371 -10.49 -38.98 23.91
CA ASN A 371 -10.93 -37.77 24.59
C ASN A 371 -10.92 -36.57 23.65
N VAL A 372 -11.49 -36.78 22.46
CA VAL A 372 -11.57 -35.76 21.42
C VAL A 372 -13.02 -35.61 20.96
N GLN A 373 -13.44 -34.37 20.71
CA GLN A 373 -14.69 -34.09 20.00
C GLN A 373 -14.32 -33.27 18.78
N ALA A 374 -14.49 -33.85 17.60
CA ALA A 374 -14.08 -33.21 16.35
C ALA A 374 -15.26 -32.96 15.45
N GLN A 375 -15.26 -31.83 14.77
CA GLN A 375 -16.38 -31.48 13.89
C GLN A 375 -15.94 -30.46 12.87
N PHE A 376 -16.70 -30.35 11.78
CA PHE A 376 -16.53 -29.22 10.89
C PHE A 376 -16.93 -27.97 11.64
N GLY A 377 -16.18 -26.89 11.42
CA GLY A 377 -16.52 -25.63 12.02
C GLY A 377 -16.16 -24.47 11.13
N THR A 378 -16.49 -23.28 11.60
CA THR A 378 -16.06 -22.04 10.98
C THR A 378 -15.01 -21.36 11.84
N LEU A 379 -14.41 -20.30 11.30
CA LEU A 379 -13.37 -19.59 12.02
C LEU A 379 -13.91 -18.92 13.27
N GLN A 380 -15.08 -18.29 13.16
CA GLN A 380 -15.70 -17.65 14.31
C GLN A 380 -16.01 -18.65 15.41
N GLU A 381 -16.44 -19.85 15.04
CA GLU A 381 -16.73 -20.89 16.02
C GLU A 381 -15.47 -21.26 16.79
N TYR A 382 -14.34 -21.37 16.09
CA TYR A 382 -13.07 -21.60 16.76
C TYR A 382 -12.77 -20.50 17.77
N PHE A 383 -12.80 -19.25 17.34
CA PHE A 383 -12.43 -18.16 18.23
C PHE A 383 -13.39 -18.02 19.41
N ASP A 384 -14.69 -18.22 19.17
CA ASP A 384 -15.65 -18.19 20.27
C ASP A 384 -15.30 -19.24 21.33
N ALA A 385 -14.94 -20.44 20.88
CA ALA A 385 -14.58 -21.51 21.81
C ALA A 385 -13.29 -21.22 22.55
N VAL A 386 -12.30 -20.62 21.87
CA VAL A 386 -11.05 -20.24 22.52
C VAL A 386 -11.31 -19.24 23.64
N HIS A 387 -12.12 -18.23 23.38
CA HIS A 387 -12.39 -17.21 24.41
C HIS A 387 -13.28 -17.73 25.54
N GLN A 388 -14.15 -18.68 25.22
CA GLN A 388 -14.90 -19.39 26.27
C GLN A 388 -13.94 -20.07 27.24
N ALA A 389 -12.93 -20.75 26.69
CA ALA A 389 -11.90 -21.42 27.49
C ALA A 389 -11.09 -20.42 28.31
N GLU A 390 -10.74 -19.29 27.70
CA GLU A 390 -10.04 -18.18 28.36
C GLU A 390 -10.84 -17.65 29.56
N ARG A 391 -12.13 -17.42 29.36
CA ARG A 391 -12.99 -16.90 30.43
C ARG A 391 -13.21 -17.91 31.55
N ALA A 392 -13.15 -19.20 31.20
CA ALA A 392 -13.22 -20.28 32.19
C ALA A 392 -11.94 -20.33 33.03
N GLY A 393 -10.93 -19.57 32.62
CA GLY A 393 -9.68 -19.45 33.37
C GLY A 393 -8.64 -20.50 33.02
N GLN A 394 -8.78 -21.15 31.87
CA GLN A 394 -7.85 -22.21 31.51
C GLN A 394 -6.65 -21.71 30.69
N ALA A 395 -6.67 -20.43 30.29
CA ALA A 395 -5.59 -19.84 29.54
C ALA A 395 -5.47 -18.32 29.75
N GLU A 396 -4.24 -17.83 29.73
CA GLU A 396 -3.94 -16.41 29.70
C GLU A 396 -3.07 -16.23 28.47
N PHE A 397 -3.29 -15.13 27.73
CA PHE A 397 -2.56 -14.91 26.49
C PHE A 397 -1.53 -13.79 26.61
N PRO A 398 -0.38 -13.98 25.95
CA PRO A 398 0.66 -12.95 25.96
C PRO A 398 0.29 -11.75 25.11
N THR A 399 0.90 -10.63 25.44
CA THR A 399 0.77 -9.42 24.64
C THR A 399 1.97 -9.32 23.71
N LEU A 400 1.77 -8.73 22.54
CA LEU A 400 2.83 -8.64 21.53
C LEU A 400 2.70 -7.32 20.78
N SER A 401 3.85 -6.73 20.48
CA SER A 401 3.90 -5.64 19.50
C SER A 401 5.03 -5.88 18.52
N GLY A 402 4.92 -5.24 17.36
CA GLY A 402 5.92 -5.38 16.31
C GLY A 402 5.28 -5.80 15.01
N ASP A 403 6.12 -6.12 14.03
CA ASP A 403 5.65 -6.60 12.74
C ASP A 403 6.29 -7.95 12.43
N PHE A 404 5.93 -8.50 11.28
CA PHE A 404 6.41 -9.79 10.84
C PHE A 404 6.98 -9.67 9.43
N PHE A 405 7.88 -8.70 9.25
CA PHE A 405 8.73 -8.61 8.07
C PHE A 405 10.18 -8.69 8.52
N THR A 406 11.09 -9.20 7.70
CA THR A 406 10.85 -9.75 6.38
C THR A 406 10.70 -11.27 6.45
N TYR A 407 9.66 -11.76 5.79
CA TYR A 407 9.34 -13.17 5.77
C TYR A 407 10.40 -13.99 5.05
N ALA A 408 10.76 -15.12 5.64
CA ALA A 408 11.47 -16.19 4.93
C ALA A 408 10.71 -17.46 5.20
N ASP A 409 10.42 -18.23 4.15
CA ASP A 409 9.74 -19.52 4.31
C ASP A 409 10.70 -20.69 4.51
N ARG A 410 11.95 -20.52 4.11
CA ARG A 410 12.98 -21.56 4.28
C ARG A 410 14.35 -21.00 4.00
N SER A 411 15.35 -21.63 4.61
CA SER A 411 16.77 -21.26 4.48
C SER A 411 17.00 -19.75 4.45
N ASP A 412 17.65 -19.25 3.40
CA ASP A 412 17.94 -17.84 3.26
C ASP A 412 17.00 -17.17 2.26
N ASN A 413 15.86 -17.82 1.99
CA ASN A 413 14.92 -17.35 0.96
C ASN A 413 13.99 -16.30 1.59
N TYR A 414 14.49 -15.06 1.67
CA TYR A 414 13.74 -13.91 2.19
C TYR A 414 12.96 -13.25 1.06
N TRP A 415 11.70 -12.95 1.36
CA TRP A 415 10.78 -12.44 0.35
C TRP A 415 10.81 -10.92 0.33
N SER A 416 11.99 -10.36 0.04
CA SER A 416 12.11 -8.92 -0.06
C SER A 416 12.11 -8.42 -1.50
N GLY A 417 12.11 -9.34 -2.46
CA GLY A 417 12.06 -8.94 -3.86
C GLY A 417 10.77 -8.23 -4.21
N TYR A 418 9.66 -8.71 -3.66
CA TYR A 418 8.35 -8.16 -4.06
C TYR A 418 8.09 -6.77 -3.48
N TYR A 419 8.99 -6.29 -2.63
CA TYR A 419 8.90 -4.90 -2.20
C TYR A 419 9.16 -3.94 -3.37
N THR A 420 9.74 -4.45 -4.45
CA THR A 420 10.10 -3.63 -5.61
C THR A 420 9.50 -4.12 -6.93
N SER A 421 9.20 -5.42 -7.05
CA SER A 421 8.79 -5.99 -8.33
C SER A 421 7.67 -5.21 -9.00
N ARG A 422 7.79 -5.00 -10.30
CA ARG A 422 6.80 -4.24 -11.09
C ARG A 422 6.55 -2.84 -10.49
N PRO A 423 7.61 -2.04 -10.42
CA PRO A 423 7.47 -0.75 -9.76
C PRO A 423 6.61 0.27 -10.50
N TYR A 424 6.38 0.09 -11.80
CA TYR A 424 5.47 0.98 -12.52
C TYR A 424 4.08 0.94 -11.87
N HIS A 425 3.64 -0.26 -11.55
CA HIS A 425 2.28 -0.43 -11.03
C HIS A 425 2.19 -0.11 -9.56
N LYS A 426 3.30 -0.27 -8.84
CA LYS A 426 3.39 0.23 -7.46
C LYS A 426 3.21 1.74 -7.42
N ARG A 427 3.84 2.44 -8.36
CA ARG A 427 3.66 3.88 -8.44
C ARG A 427 2.23 4.24 -8.85
N MET A 428 1.69 3.51 -9.83
CA MET A 428 0.32 3.75 -10.28
C MET A 428 -0.68 3.63 -9.13
N ASP A 429 -0.44 2.67 -8.24
CA ASP A 429 -1.28 2.48 -7.06
C ASP A 429 -1.41 3.78 -6.26
N ARG A 430 -0.29 4.44 -6.00
CA ARG A 430 -0.29 5.67 -5.21
C ARG A 430 -0.98 6.82 -5.95
N VAL A 431 -0.82 6.89 -7.27
CA VAL A 431 -1.52 7.88 -8.06
C VAL A 431 -3.04 7.66 -7.98
N LEU A 432 -3.47 6.43 -8.22
CA LEU A 432 -4.89 6.12 -8.15
C LEU A 432 -5.44 6.32 -6.74
N MET A 433 -4.66 5.99 -5.71
CA MET A 433 -5.09 6.24 -4.34
C MET A 433 -5.55 7.67 -4.16
N HIS A 434 -4.73 8.61 -4.64
CA HIS A 434 -5.03 10.02 -4.51
C HIS A 434 -6.23 10.44 -5.36
N TYR A 435 -6.30 9.96 -6.60
CA TYR A 435 -7.40 10.30 -7.49
C TYR A 435 -8.74 9.80 -6.92
N VAL A 436 -8.75 8.62 -6.29
CA VAL A 436 -9.98 8.13 -5.66
C VAL A 436 -10.38 9.07 -4.52
N ARG A 437 -9.42 9.40 -3.67
CA ARG A 437 -9.72 10.32 -2.57
C ARG A 437 -10.28 11.65 -3.09
N ALA A 438 -9.61 12.22 -4.08
CA ALA A 438 -10.00 13.53 -4.62
C ALA A 438 -11.38 13.47 -5.30
N ALA A 439 -11.65 12.42 -6.06
CA ALA A 439 -12.93 12.27 -6.73
C ALA A 439 -14.08 12.11 -5.73
N GLU A 440 -13.86 11.28 -4.72
CA GLU A 440 -14.88 11.09 -3.68
C GLU A 440 -15.12 12.38 -2.92
N MET A 441 -14.05 13.11 -2.60
CA MET A 441 -14.18 14.34 -1.84
C MET A 441 -14.86 15.46 -2.64
N LEU A 442 -14.37 15.70 -3.86
CA LEU A 442 -14.92 16.76 -4.71
C LEU A 442 -16.40 16.55 -5.00
N SER A 443 -16.80 15.30 -5.21
CA SER A 443 -18.18 15.01 -5.55
C SER A 443 -19.07 14.93 -4.32
N ALA A 444 -18.50 14.77 -3.14
CA ALA A 444 -19.28 14.65 -1.90
C ALA A 444 -20.04 15.90 -1.52
N TRP A 445 -19.59 17.05 -1.99
CA TRP A 445 -20.18 18.34 -1.60
C TRP A 445 -21.62 18.50 -2.06
N HIS A 446 -21.98 17.77 -3.11
CA HIS A 446 -23.32 17.84 -3.68
C HIS A 446 -23.93 16.48 -3.76
N SER A 447 -25.27 16.48 -3.81
CA SER A 447 -26.03 15.33 -4.26
C SER A 447 -26.10 15.38 -5.78
N TRP A 448 -25.98 14.22 -6.43
CA TRP A 448 -25.98 14.17 -7.89
C TRP A 448 -27.14 13.36 -8.43
N ASP A 449 -27.73 13.84 -9.52
CA ASP A 449 -28.75 13.10 -10.25
C ASP A 449 -28.16 11.78 -10.74
N GLY A 450 -28.96 10.72 -10.76
CA GLY A 450 -28.52 9.43 -11.26
C GLY A 450 -27.93 9.48 -12.66
N MET A 451 -28.46 10.40 -13.48
CA MET A 451 -28.00 10.60 -14.85
C MET A 451 -26.54 11.02 -14.95
N ALA A 452 -26.01 11.58 -13.86
CA ALA A 452 -24.63 12.05 -13.84
C ALA A 452 -23.63 10.90 -13.71
N ARG A 453 -24.12 9.72 -13.32
CA ARG A 453 -23.30 8.51 -13.22
C ARG A 453 -22.11 8.67 -12.26
N ILE A 454 -22.27 9.50 -11.25
CA ILE A 454 -21.20 9.76 -10.29
C ILE A 454 -20.95 8.52 -9.43
N GLU A 455 -22.00 7.98 -8.82
CA GLU A 455 -21.86 6.78 -7.98
C GLU A 455 -21.28 5.61 -8.78
N GLU A 456 -21.74 5.47 -10.01
CA GLU A 456 -21.28 4.40 -10.90
C GLU A 456 -19.77 4.48 -11.12
N ARG A 457 -19.30 5.67 -11.46
CA ARG A 457 -17.88 5.85 -11.74
C ARG A 457 -17.02 5.68 -10.49
N LEU A 458 -17.50 6.19 -9.35
CA LEU A 458 -16.78 6.05 -8.09
C LEU A 458 -16.70 4.59 -7.64
N GLU A 459 -17.79 3.84 -7.81
CA GLU A 459 -17.77 2.43 -7.46
C GLU A 459 -16.75 1.68 -8.32
N GLN A 460 -16.76 1.96 -9.62
CA GLN A 460 -15.79 1.36 -10.53
C GLN A 460 -14.36 1.64 -10.05
N ALA A 461 -14.07 2.92 -9.78
CA ALA A 461 -12.73 3.29 -9.37
C ALA A 461 -12.33 2.63 -8.04
N ARG A 462 -13.22 2.65 -7.06
CA ARG A 462 -12.91 2.03 -5.77
C ARG A 462 -12.64 0.55 -5.93
N ARG A 463 -13.42 -0.11 -6.78
CA ARG A 463 -13.28 -1.56 -6.93
C ARG A 463 -12.00 -1.95 -7.66
N GLU A 464 -11.59 -1.19 -8.66
CA GLU A 464 -10.34 -1.50 -9.35
C GLU A 464 -9.14 -1.25 -8.45
N LEU A 465 -9.14 -0.15 -7.71
CA LEU A 465 -8.06 0.09 -6.76
C LEU A 465 -8.03 -0.99 -5.67
N SER A 466 -9.22 -1.36 -5.19
CA SER A 466 -9.32 -2.40 -4.17
C SER A 466 -8.79 -3.73 -4.67
N LEU A 467 -9.13 -4.09 -5.89
CA LEU A 467 -8.67 -5.33 -6.47
C LEU A 467 -7.14 -5.38 -6.50
N PHE A 468 -6.51 -4.26 -6.82
CA PHE A 468 -5.05 -4.24 -6.95
C PHE A 468 -4.33 -4.42 -5.62
N GLN A 469 -5.03 -4.24 -4.50
CA GLN A 469 -4.41 -4.48 -3.20
C GLN A 469 -4.13 -5.96 -2.96
N HIS A 470 -4.68 -6.82 -3.80
CA HIS A 470 -4.44 -8.26 -3.73
C HIS A 470 -2.95 -8.57 -3.56
N HIS A 471 -2.65 -9.65 -2.84
CA HIS A 471 -1.27 -10.05 -2.60
C HIS A 471 -0.50 -10.58 -3.83
N ASP A 472 -1.14 -10.61 -5.00
CA ASP A 472 -0.43 -10.79 -6.27
C ASP A 472 -0.61 -9.59 -7.20
N GLY A 473 -1.21 -8.51 -6.70
CA GLY A 473 -1.42 -7.31 -7.50
C GLY A 473 -0.29 -6.33 -7.26
N ILE A 474 -0.45 -5.48 -6.25
CA ILE A 474 0.54 -4.46 -5.92
C ILE A 474 1.93 -5.07 -5.69
N THR A 475 1.97 -6.34 -5.26
CA THR A 475 3.22 -7.03 -4.98
C THR A 475 4.07 -7.28 -6.23
N GLY A 476 3.47 -7.20 -7.42
CA GLY A 476 4.24 -7.47 -8.62
C GLY A 476 4.59 -8.93 -8.82
N THR A 477 3.75 -9.83 -8.31
CA THR A 477 4.04 -11.26 -8.41
C THR A 477 3.10 -12.01 -9.36
N ALA A 478 2.46 -11.30 -10.30
CA ALA A 478 1.54 -11.94 -11.24
C ALA A 478 2.16 -12.16 -12.63
N LYS A 479 1.54 -13.02 -13.43
CA LYS A 479 2.01 -13.19 -14.81
C LYS A 479 1.86 -11.89 -15.58
N THR A 480 2.68 -11.71 -16.62
CA THR A 480 2.64 -10.50 -17.43
C THR A 480 1.24 -10.13 -17.92
N HIS A 481 0.48 -11.08 -18.45
CA HIS A 481 -0.84 -10.72 -18.96
C HIS A 481 -1.80 -10.33 -17.85
N VAL A 482 -1.53 -10.79 -16.63
CA VAL A 482 -2.37 -10.41 -15.49
C VAL A 482 -2.00 -9.00 -15.01
N VAL A 483 -0.71 -8.70 -14.98
CA VAL A 483 -0.27 -7.33 -14.70
C VAL A 483 -0.91 -6.35 -15.68
N VAL A 484 -0.97 -6.74 -16.95
CA VAL A 484 -1.58 -5.89 -17.98
C VAL A 484 -3.06 -5.68 -17.68
N ASP A 485 -3.75 -6.73 -17.25
CA ASP A 485 -5.15 -6.60 -16.85
C ASP A 485 -5.34 -5.62 -15.69
N TYR A 486 -4.51 -5.75 -14.65
CA TYR A 486 -4.59 -4.80 -13.54
C TYR A 486 -4.33 -3.37 -13.99
N GLU A 487 -3.35 -3.20 -14.89
CA GLU A 487 -3.04 -1.87 -15.39
C GLU A 487 -4.22 -1.26 -16.17
N GLN A 488 -4.83 -2.05 -17.06
CA GLN A 488 -6.00 -1.60 -17.82
C GLN A 488 -7.13 -1.19 -16.88
N ARG A 489 -7.37 -2.02 -15.87
CA ARG A 489 -8.41 -1.72 -14.88
C ARG A 489 -8.10 -0.39 -14.17
N MET A 490 -6.84 -0.22 -13.76
CA MET A 490 -6.45 1.02 -13.08
C MET A 490 -6.53 2.24 -13.99
N GLN A 491 -6.20 2.09 -15.27
N GLN A 491 -6.20 2.07 -15.27
CA GLN A 491 -6.35 3.20 -16.22
CA GLN A 491 -6.34 3.15 -16.26
C GLN A 491 -7.81 3.62 -16.37
C GLN A 491 -7.79 3.60 -16.41
N GLU A 492 -8.70 2.63 -16.47
CA GLU A 492 -10.14 2.91 -16.51
C GLU A 492 -10.57 3.63 -15.24
N ALA A 493 -10.06 3.19 -14.09
CA ALA A 493 -10.37 3.83 -12.82
C ALA A 493 -9.89 5.28 -12.78
N LEU A 494 -8.68 5.54 -13.26
N LEU A 494 -8.68 5.53 -13.29
CA LEU A 494 -8.17 6.92 -13.31
CA LEU A 494 -8.13 6.88 -13.35
C LEU A 494 -9.06 7.80 -14.18
C LEU A 494 -9.02 7.79 -14.19
N LYS A 495 -9.49 7.28 -15.32
CA LYS A 495 -10.38 8.03 -16.20
C LYS A 495 -11.72 8.30 -15.53
N ALA A 496 -12.23 7.33 -14.80
CA ALA A 496 -13.45 7.53 -14.04
C ALA A 496 -13.32 8.64 -12.99
N CYS A 497 -12.21 8.62 -12.26
N CYS A 497 -12.20 8.64 -12.27
CA CYS A 497 -11.94 9.63 -11.26
CA CYS A 497 -11.93 9.68 -11.26
C CYS A 497 -11.86 11.01 -11.91
C CYS A 497 -11.80 11.04 -11.90
N GLN A 498 -11.10 11.12 -12.99
N GLN A 498 -11.12 11.10 -13.04
CA GLN A 498 -11.00 12.38 -13.71
CA GLN A 498 -10.97 12.36 -13.75
C GLN A 498 -12.38 12.93 -14.09
C GLN A 498 -12.33 12.94 -14.16
N MET A 499 -13.23 12.08 -14.65
CA MET A 499 -14.57 12.51 -15.06
C MET A 499 -15.31 13.09 -13.87
N VAL A 500 -15.29 12.39 -12.74
CA VAL A 500 -16.04 12.83 -11.58
C VAL A 500 -15.43 14.13 -11.05
N MET A 501 -14.11 14.18 -10.95
CA MET A 501 -13.44 15.39 -10.46
C MET A 501 -13.78 16.62 -11.30
N GLN A 502 -13.71 16.50 -12.62
CA GLN A 502 -13.91 17.68 -13.47
C GLN A 502 -15.38 18.13 -13.48
N GLN A 503 -16.32 17.18 -13.43
CA GLN A 503 -17.73 17.56 -13.30
C GLN A 503 -17.95 18.30 -11.99
N SER A 504 -17.29 17.84 -10.93
CA SER A 504 -17.45 18.46 -9.61
C SER A 504 -16.87 19.87 -9.59
N VAL A 505 -15.68 20.06 -10.16
CA VAL A 505 -15.08 21.39 -10.22
C VAL A 505 -15.99 22.36 -10.98
N TYR A 506 -16.56 21.90 -12.08
CA TYR A 506 -17.43 22.75 -12.86
C TYR A 506 -18.63 23.18 -12.04
N ARG A 507 -19.21 22.25 -11.27
CA ARG A 507 -20.37 22.57 -10.46
C ARG A 507 -20.00 23.49 -9.28
N LEU A 508 -18.84 23.25 -8.68
CA LEU A 508 -18.45 24.02 -7.50
C LEU A 508 -18.06 25.46 -7.81
N LEU A 509 -17.65 25.72 -9.04
CA LEU A 509 -17.11 27.03 -9.42
C LEU A 509 -17.88 27.76 -10.51
N THR A 510 -19.13 27.34 -10.77
CA THR A 510 -19.96 28.03 -11.74
C THR A 510 -21.18 28.62 -11.02
N LYS A 511 -21.51 29.86 -11.34
CA LYS A 511 -22.70 30.52 -10.79
C LYS A 511 -23.89 29.59 -10.95
N PRO A 512 -24.61 29.28 -9.85
CA PRO A 512 -25.68 28.29 -9.89
C PRO A 512 -26.76 28.50 -10.97
N SER A 513 -27.17 29.74 -11.21
CA SER A 513 -28.21 30.00 -12.21
C SER A 513 -27.73 29.90 -13.65
N ILE A 514 -26.42 29.71 -13.82
CA ILE A 514 -25.78 29.57 -15.13
C ILE A 514 -25.41 28.10 -15.39
N TYR A 515 -25.09 27.38 -14.31
CA TYR A 515 -24.64 25.99 -14.40
C TYR A 515 -25.57 25.13 -15.25
N SER A 516 -25.02 24.54 -16.32
CA SER A 516 -25.82 23.77 -17.27
C SER A 516 -25.03 22.54 -17.73
N PRO A 517 -24.96 21.50 -16.87
CA PRO A 517 -24.04 20.41 -17.15
C PRO A 517 -24.50 19.42 -18.21
N ASP A 518 -23.56 19.03 -19.06
CA ASP A 518 -23.69 17.86 -19.91
C ASP A 518 -22.81 16.86 -19.19
N PHE A 519 -23.41 15.81 -18.66
CA PHE A 519 -22.69 14.89 -17.78
C PHE A 519 -21.70 13.97 -18.51
N SER A 520 -21.69 14.04 -19.84
CA SER A 520 -20.72 13.31 -20.64
C SER A 520 -19.57 14.20 -21.12
N PHE A 521 -19.67 15.50 -20.87
CA PHE A 521 -18.71 16.47 -21.42
C PHE A 521 -17.53 16.69 -20.49
N SER A 522 -16.35 16.92 -21.07
CA SER A 522 -15.16 17.26 -20.30
C SER A 522 -14.96 18.77 -20.26
N TYR A 523 -15.43 19.38 -19.17
CA TYR A 523 -15.25 20.80 -18.90
C TYR A 523 -13.82 21.18 -18.59
N PHE A 524 -13.11 20.25 -17.93
CA PHE A 524 -11.70 20.43 -17.61
C PHE A 524 -10.96 19.17 -17.96
N THR A 525 -9.70 19.33 -18.32
CA THR A 525 -8.81 18.19 -18.40
C THR A 525 -7.83 18.29 -17.24
N LEU A 526 -7.56 17.15 -16.60
CA LEU A 526 -6.57 17.07 -15.55
C LEU A 526 -5.17 17.20 -16.15
N ASP A 527 -4.31 17.91 -15.44
CA ASP A 527 -2.92 18.02 -15.81
C ASP A 527 -2.12 17.44 -14.68
N ASP A 528 -1.40 16.37 -14.95
CA ASP A 528 -0.60 15.71 -13.92
C ASP A 528 0.83 15.70 -14.40
N SER A 529 1.69 16.39 -13.65
N SER A 529 1.70 16.40 -13.67
CA SER A 529 3.09 16.55 -14.03
CA SER A 529 3.12 16.52 -14.05
C SER A 529 3.98 15.38 -13.60
C SER A 529 3.91 15.25 -13.79
N ARG A 530 3.43 14.41 -12.87
CA ARG A 530 4.24 13.30 -12.38
C ARG A 530 3.64 11.92 -12.60
N TRP A 531 2.60 11.84 -13.40
CA TRP A 531 2.08 10.54 -13.80
C TRP A 531 1.41 10.63 -15.16
N PRO A 532 1.77 9.73 -16.10
N PRO A 532 1.81 9.76 -16.12
CA PRO A 532 2.86 8.74 -16.04
CA PRO A 532 2.87 8.74 -16.04
C PRO A 532 4.25 9.36 -15.93
C PRO A 532 4.25 9.37 -15.90
N GLY A 533 4.38 10.61 -16.32
CA GLY A 533 5.63 11.35 -16.12
C GLY A 533 6.38 11.64 -17.39
N SER A 534 7.21 12.67 -17.33
CA SER A 534 8.10 13.06 -18.42
C SER A 534 9.03 11.92 -18.75
N GLY A 535 9.05 11.52 -20.02
CA GLY A 535 9.89 10.40 -20.45
C GLY A 535 9.22 9.05 -20.33
N VAL A 536 8.01 9.03 -19.77
CA VAL A 536 7.24 7.80 -19.64
C VAL A 536 6.09 7.81 -20.66
N GLU A 537 5.33 8.89 -20.68
CA GLU A 537 4.31 9.11 -21.70
C GLU A 537 4.19 10.61 -21.95
N ASP A 538 4.07 10.98 -23.22
CA ASP A 538 3.81 12.39 -23.56
C ASP A 538 2.30 12.57 -23.51
N SER A 539 1.79 12.79 -22.30
CA SER A 539 0.35 12.73 -22.02
C SER A 539 -0.31 14.07 -21.74
N ARG A 540 0.47 15.06 -21.29
CA ARG A 540 -0.15 16.33 -20.92
C ARG A 540 -0.50 17.22 -22.11
N THR A 541 -1.57 17.99 -21.91
CA THR A 541 -2.05 18.89 -22.93
C THR A 541 -1.37 20.23 -22.77
N THR A 542 -0.95 20.78 -23.89
CA THR A 542 -0.39 22.11 -23.91
C THR A 542 -1.54 23.11 -23.93
N ILE A 543 -1.42 24.14 -23.10
CA ILE A 543 -2.36 25.26 -23.16
C ILE A 543 -1.94 26.12 -24.36
N ILE A 544 -2.80 26.15 -25.36
N ILE A 544 -2.84 26.15 -25.34
CA ILE A 544 -2.47 26.83 -26.61
CA ILE A 544 -2.61 26.82 -26.61
C ILE A 544 -3.09 28.21 -26.67
C ILE A 544 -3.14 28.24 -26.56
N LEU A 545 -2.22 29.20 -26.60
CA LEU A 545 -2.59 30.61 -26.60
C LEU A 545 -1.98 31.27 -27.82
N GLY A 546 -2.59 32.36 -28.26
CA GLY A 546 -2.08 33.07 -29.42
C GLY A 546 -3.00 34.19 -29.78
N GLU A 547 -2.42 35.25 -30.34
CA GLU A 547 -3.16 36.44 -30.77
C GLU A 547 -4.33 36.10 -31.70
N ASP A 548 -4.11 35.09 -32.54
CA ASP A 548 -5.09 34.72 -33.55
C ASP A 548 -5.86 33.46 -33.18
N ILE A 549 -5.87 33.09 -31.90
CA ILE A 549 -6.64 31.91 -31.46
C ILE A 549 -7.33 32.05 -30.11
N LEU A 550 -6.58 32.46 -29.09
CA LEU A 550 -7.08 32.48 -27.71
C LEU A 550 -6.11 33.26 -26.83
N PRO A 551 -6.57 34.39 -26.25
CA PRO A 551 -5.67 35.15 -25.40
C PRO A 551 -5.37 34.59 -24.01
N SER A 552 -6.30 33.83 -23.43
CA SER A 552 -6.12 33.41 -22.04
C SER A 552 -6.81 32.09 -21.74
N LYS A 553 -6.43 31.51 -20.60
CA LYS A 553 -6.97 30.22 -20.16
C LYS A 553 -7.12 30.18 -18.65
N HIS A 554 -8.29 29.74 -18.19
CA HIS A 554 -8.50 29.49 -16.77
C HIS A 554 -8.01 28.10 -16.39
N VAL A 555 -7.32 28.05 -15.25
CA VAL A 555 -6.89 26.80 -14.62
C VAL A 555 -7.37 26.80 -13.17
N VAL A 556 -7.58 25.61 -12.61
CA VAL A 556 -8.09 25.47 -11.26
C VAL A 556 -7.25 24.43 -10.52
N MET A 557 -6.87 24.75 -9.29
CA MET A 557 -6.20 23.80 -8.40
C MET A 557 -7.12 23.33 -7.29
N HIS A 558 -7.07 22.03 -6.99
CA HIS A 558 -7.76 21.46 -5.85
C HIS A 558 -6.79 21.03 -4.79
N ASN A 559 -7.16 21.28 -3.53
CA ASN A 559 -6.36 20.87 -2.39
C ASN A 559 -7.15 19.95 -1.49
N THR A 560 -6.86 18.65 -1.53
CA THR A 560 -7.65 17.69 -0.77
C THR A 560 -7.35 17.72 0.74
N LEU A 561 -6.25 18.35 1.14
CA LEU A 561 -5.89 18.43 2.55
C LEU A 561 -6.66 19.50 3.29
N PRO A 562 -6.99 19.24 4.57
CA PRO A 562 -7.79 20.20 5.36
C PRO A 562 -7.03 21.36 5.97
N HIS A 563 -6.07 21.91 5.23
CA HIS A 563 -5.40 23.14 5.64
C HIS A 563 -5.05 23.92 4.40
N TRP A 564 -4.92 25.24 4.55
CA TRP A 564 -4.46 26.09 3.46
C TRP A 564 -3.13 25.55 2.96
N ARG A 565 -2.97 25.50 1.64
CA ARG A 565 -1.72 24.99 1.11
C ARG A 565 -1.25 25.83 -0.05
N GLU A 566 0.05 26.14 -0.01
CA GLU A 566 0.74 26.69 -1.16
C GLU A 566 1.65 25.62 -1.76
N GLN A 567 1.70 25.57 -3.08
CA GLN A 567 2.56 24.63 -3.77
C GLN A 567 2.82 25.20 -5.15
N LEU A 568 4.06 25.07 -5.62
CA LEU A 568 4.32 25.41 -7.02
C LEU A 568 3.59 24.43 -7.91
N VAL A 569 2.98 24.97 -8.96
CA VAL A 569 2.32 24.17 -9.99
C VAL A 569 2.89 24.57 -11.34
N ASP A 570 2.87 23.64 -12.29
CA ASP A 570 3.36 23.92 -13.63
C ASP A 570 2.38 23.45 -14.70
N PHE A 571 2.37 24.17 -15.80
CA PHE A 571 1.55 23.85 -16.95
C PHE A 571 2.42 24.00 -18.19
N TYR A 572 2.14 23.21 -19.21
CA TYR A 572 2.73 23.44 -20.53
C TYR A 572 1.93 24.50 -21.27
N VAL A 573 2.65 25.46 -21.86
CA VAL A 573 2.05 26.56 -22.64
C VAL A 573 2.77 26.70 -23.97
N SER A 574 2.06 27.23 -24.97
CA SER A 574 2.60 27.29 -26.33
C SER A 574 3.46 28.52 -26.60
N SER A 575 3.62 29.38 -25.60
CA SER A 575 4.43 30.60 -25.71
C SER A 575 5.17 30.84 -24.39
N PRO A 576 6.38 31.40 -24.45
CA PRO A 576 7.06 31.75 -23.20
C PRO A 576 6.54 33.06 -22.60
N PHE A 577 5.76 33.82 -23.37
CA PHE A 577 5.32 35.14 -22.93
C PHE A 577 3.93 35.04 -22.32
N VAL A 578 3.91 34.45 -21.14
CA VAL A 578 2.65 34.17 -20.46
C VAL A 578 2.74 34.74 -19.06
N SER A 579 1.66 35.37 -18.62
CA SER A 579 1.57 35.89 -17.26
C SER A 579 0.39 35.29 -16.53
N VAL A 580 0.49 35.27 -15.21
CA VAL A 580 -0.50 34.63 -14.35
C VAL A 580 -1.18 35.66 -13.48
N THR A 581 -2.49 35.53 -13.36
CA THR A 581 -3.29 36.36 -12.44
C THR A 581 -4.22 35.46 -11.62
N ASP A 582 -4.59 35.92 -10.43
CA ASP A 582 -5.60 35.24 -9.61
C ASP A 582 -6.98 35.74 -10.03
N LEU A 583 -8.06 35.28 -9.39
CA LEU A 583 -9.35 35.74 -9.90
C LEU A 583 -9.84 37.04 -9.21
N ALA A 584 -8.89 37.82 -8.70
CA ALA A 584 -9.11 39.25 -8.44
C ALA A 584 -8.28 40.06 -9.43
N ASN A 585 -7.71 39.37 -10.42
CA ASN A 585 -6.84 39.98 -11.43
C ASN A 585 -5.52 40.53 -10.85
N ASN A 586 -5.13 40.01 -9.69
CA ASN A 586 -3.83 40.33 -9.07
C ASN A 586 -2.75 39.53 -9.77
N PRO A 587 -1.65 40.18 -10.19
CA PRO A 587 -0.54 39.43 -10.76
C PRO A 587 0.04 38.40 -9.79
N VAL A 588 0.49 37.28 -10.35
CA VAL A 588 1.13 36.21 -9.59
C VAL A 588 2.51 36.01 -10.21
N GLU A 589 3.54 36.01 -9.38
N GLU A 589 3.55 36.00 -9.38
CA GLU A 589 4.90 35.79 -9.85
CA GLU A 589 4.92 35.82 -9.85
C GLU A 589 4.96 34.43 -10.52
C GLU A 589 5.10 34.42 -10.45
N ALA A 590 5.65 34.37 -11.66
CA ALA A 590 5.77 33.10 -12.38
C ALA A 590 7.17 32.97 -12.95
N GLN A 591 7.53 31.74 -13.27
CA GLN A 591 8.79 31.42 -13.92
C GLN A 591 8.48 30.56 -15.13
N VAL A 592 9.13 30.85 -16.25
CA VAL A 592 9.03 30.00 -17.42
C VAL A 592 10.35 29.29 -17.60
N SER A 593 10.25 27.99 -17.88
CA SER A 593 11.41 27.10 -18.13
C SER A 593 11.17 26.34 -19.41
N PRO A 594 12.23 25.82 -20.05
CA PRO A 594 11.98 25.00 -21.23
C PRO A 594 11.36 23.65 -20.89
N VAL A 595 10.86 22.96 -21.92
CA VAL A 595 10.45 21.57 -21.76
C VAL A 595 11.61 20.71 -22.27
N TRP A 596 12.25 19.99 -21.35
CA TRP A 596 13.40 19.17 -21.68
C TRP A 596 13.00 17.70 -21.74
N SER A 597 13.43 17.03 -22.80
CA SER A 597 13.22 15.58 -22.92
C SER A 597 14.55 14.90 -23.19
N TRP A 598 14.78 13.80 -22.49
CA TRP A 598 16.04 13.07 -22.58
C TRP A 598 15.94 11.94 -23.58
N HIS A 599 16.96 11.82 -24.41
CA HIS A 599 16.94 10.81 -25.45
C HIS A 599 18.18 9.97 -25.37
N HIS A 600 18.00 8.66 -25.45
CA HIS A 600 19.11 7.74 -25.58
C HIS A 600 19.40 7.71 -27.07
N ASP A 601 20.44 8.43 -27.45
CA ASP A 601 20.79 8.62 -28.84
C ASP A 601 21.54 7.38 -29.31
N THR A 602 20.87 6.58 -30.14
CA THR A 602 21.43 5.29 -30.57
C THR A 602 22.52 5.45 -31.64
N LEU A 603 22.71 6.67 -32.12
CA LEU A 603 23.77 7.00 -33.07
C LEU A 603 25.05 7.45 -32.36
N THR A 604 24.92 8.46 -31.48
CA THR A 604 26.07 8.98 -30.73
C THR A 604 26.39 8.15 -29.48
N LYS A 605 25.47 7.28 -29.08
CA LYS A 605 25.61 6.44 -27.88
C LYS A 605 25.74 7.28 -26.62
N THR A 606 24.97 8.37 -26.58
CA THR A 606 24.90 9.24 -25.40
C THR A 606 23.45 9.46 -25.01
N ILE A 607 23.25 9.82 -23.76
CA ILE A 607 21.94 10.17 -23.23
C ILE A 607 21.96 11.68 -22.99
N HIS A 608 21.16 12.41 -23.74
CA HIS A 608 21.27 13.86 -23.72
C HIS A 608 19.91 14.52 -23.88
N PRO A 609 19.76 15.75 -23.38
CA PRO A 609 18.47 16.41 -23.45
C PRO A 609 18.23 17.23 -24.70
N GLN A 610 16.97 17.25 -25.11
CA GLN A 610 16.52 18.08 -26.22
C GLN A 610 15.45 19.03 -25.68
N GLY A 611 15.49 20.28 -26.11
CA GLY A 611 14.51 21.27 -25.66
C GLY A 611 13.47 21.52 -26.72
N SER A 612 12.24 21.79 -26.29
CA SER A 612 11.20 22.16 -27.23
C SER A 612 11.35 23.59 -27.72
N THR A 613 11.01 23.83 -28.99
CA THR A 613 11.03 25.18 -29.52
C THR A 613 9.61 25.74 -29.69
N THR A 614 8.60 25.00 -29.21
CA THR A 614 7.20 25.45 -29.33
C THR A 614 6.35 25.29 -28.07
N LYS A 615 6.92 24.66 -27.04
CA LYS A 615 6.19 24.41 -25.79
C LYS A 615 7.11 24.75 -24.63
N TYR A 616 6.54 25.32 -23.57
CA TYR A 616 7.30 25.82 -22.44
C TYR A 616 6.57 25.48 -21.16
N ARG A 617 7.31 25.46 -20.05
CA ARG A 617 6.69 25.26 -18.74
C ARG A 617 6.51 26.58 -18.05
N ILE A 618 5.31 26.85 -17.56
CA ILE A 618 5.10 27.99 -16.68
C ILE A 618 4.81 27.49 -15.27
N ILE A 619 5.48 28.10 -14.30
CA ILE A 619 5.49 27.65 -12.92
C ILE A 619 5.08 28.82 -12.04
N PHE A 620 4.18 28.60 -11.10
CA PHE A 620 3.80 29.64 -10.16
C PHE A 620 3.29 29.00 -8.89
N LYS A 621 3.23 29.79 -7.83
CA LYS A 621 2.74 29.32 -6.56
C LYS A 621 1.23 29.45 -6.50
N ALA A 622 0.55 28.31 -6.36
CA ALA A 622 -0.88 28.30 -6.13
C ALA A 622 -1.16 28.26 -4.62
N ARG A 623 -2.14 29.04 -4.18
CA ARG A 623 -2.57 29.06 -2.78
C ARG A 623 -4.02 28.64 -2.74
N VAL A 624 -4.28 27.54 -2.05
CA VAL A 624 -5.56 26.86 -2.20
C VAL A 624 -6.18 26.62 -0.82
N PRO A 625 -7.50 26.90 -0.69
CA PRO A 625 -8.14 26.71 0.62
C PRO A 625 -8.15 25.25 1.08
N PRO A 626 -8.43 25.04 2.37
CA PRO A 626 -8.57 23.69 2.88
C PRO A 626 -9.68 22.97 2.13
N MET A 627 -9.40 21.76 1.63
CA MET A 627 -10.43 20.96 0.92
C MET A 627 -11.16 21.81 -0.12
N GLY A 628 -10.38 22.62 -0.82
CA GLY A 628 -10.95 23.68 -1.64
C GLY A 628 -10.35 23.82 -3.02
N LEU A 629 -10.76 24.89 -3.70
CA LEU A 629 -10.38 25.16 -5.08
C LEU A 629 -9.96 26.60 -5.25
N ALA A 630 -9.00 26.82 -6.13
CA ALA A 630 -8.55 28.17 -6.46
C ALA A 630 -8.36 28.31 -7.96
N THR A 631 -8.83 29.40 -8.53
CA THR A 631 -8.79 29.63 -9.98
C THR A 631 -7.73 30.67 -10.32
N TYR A 632 -6.98 30.40 -11.38
CA TYR A 632 -5.99 31.35 -11.91
C TYR A 632 -6.19 31.47 -13.41
N VAL A 633 -5.62 32.52 -13.98
CA VAL A 633 -5.72 32.79 -15.41
C VAL A 633 -4.32 32.95 -15.99
N LEU A 634 -4.09 32.30 -17.13
CA LEU A 634 -2.85 32.41 -17.87
C LEU A 634 -3.13 33.21 -19.13
N THR A 635 -2.36 34.28 -19.34
CA THR A 635 -2.61 35.20 -20.45
C THR A 635 -1.35 35.43 -21.27
N ILE A 636 -1.50 35.38 -22.58
CA ILE A 636 -0.35 35.58 -23.47
C ILE A 636 -0.12 37.07 -23.69
N SER A 637 1.14 37.44 -23.93
CA SER A 637 1.48 38.78 -24.37
C SER A 637 2.52 38.67 -25.49
N ASP A 638 2.78 39.79 -26.19
CA ASP A 638 3.70 39.76 -27.32
C ASP A 638 5.17 39.74 -26.87
N SER A 639 5.43 40.17 -25.64
CA SER A 639 6.79 40.25 -25.10
C SER A 639 6.83 39.83 -23.63
N LYS A 640 8.03 39.84 -23.05
CA LYS A 640 8.22 39.40 -21.67
C LYS A 640 7.32 40.17 -20.69
N PRO A 641 6.43 39.44 -19.98
CA PRO A 641 5.55 40.04 -18.97
C PRO A 641 6.32 40.50 -17.74
N GLU A 642 5.79 41.52 -17.07
CA GLU A 642 6.43 42.11 -15.90
C GLU A 642 6.67 41.11 -14.75
N HIS A 643 5.72 40.20 -14.53
CA HIS A 643 5.78 39.31 -13.37
C HIS A 643 6.19 37.88 -13.69
N THR A 644 6.79 37.69 -14.86
CA THR A 644 7.29 36.39 -15.27
C THR A 644 8.79 36.46 -15.52
N SER A 645 9.54 35.55 -14.91
CA SER A 645 10.98 35.45 -15.12
C SER A 645 11.31 34.17 -15.89
N TYR A 646 12.55 34.10 -16.38
CA TYR A 646 12.97 33.00 -17.23
C TYR A 646 14.19 32.33 -16.65
N ALA A 647 14.15 31.01 -16.60
CA ALA A 647 15.26 30.23 -16.07
C ALA A 647 16.46 30.28 -17.01
N SER A 648 17.65 30.22 -16.42
CA SER A 648 18.84 29.98 -17.22
C SER A 648 19.01 28.47 -17.37
N ASN A 649 19.72 28.06 -18.40
CA ASN A 649 19.99 26.64 -18.63
C ASN A 649 21.43 26.46 -19.03
N LEU A 650 22.06 25.47 -18.41
CA LEU A 650 23.48 25.21 -18.59
C LEU A 650 23.65 23.73 -18.84
N LEU A 651 24.20 23.39 -19.99
CA LEU A 651 24.43 22.01 -20.36
C LEU A 651 25.91 21.70 -20.20
N LEU A 652 26.22 20.76 -19.30
CA LEU A 652 27.60 20.40 -18.99
C LEU A 652 27.96 19.08 -19.62
N ARG A 653 28.84 19.15 -20.62
N ARG A 653 28.83 19.15 -20.62
CA ARG A 653 29.34 17.98 -21.32
CA ARG A 653 29.35 17.98 -21.31
C ARG A 653 30.52 18.40 -22.19
C ARG A 653 30.55 18.41 -22.14
N LYS A 654 31.42 17.44 -22.44
CA LYS A 654 32.42 17.61 -23.47
C LYS A 654 31.65 17.30 -24.75
N ASN A 655 32.02 17.97 -25.82
N ASN A 655 32.00 17.99 -25.82
CA ASN A 655 31.36 17.82 -27.13
CA ASN A 655 31.35 17.81 -27.12
C ASN A 655 29.89 18.26 -27.16
C ASN A 655 29.88 18.26 -27.15
N PRO A 656 29.60 19.52 -26.76
CA PRO A 656 28.24 20.02 -26.85
C PRO A 656 27.88 20.40 -28.28
N THR A 657 26.59 20.34 -28.59
CA THR A 657 26.05 20.89 -29.82
C THR A 657 24.97 21.87 -29.41
N SER A 658 24.58 22.74 -30.34
CA SER A 658 23.61 23.80 -30.06
C SER A 658 22.29 23.25 -29.55
N LEU A 659 21.59 24.08 -28.78
CA LEU A 659 20.28 23.73 -28.23
C LEU A 659 19.33 24.92 -28.35
N PRO A 660 18.72 25.09 -29.54
CA PRO A 660 17.83 26.22 -29.77
C PRO A 660 16.51 26.02 -29.01
N LEU A 661 15.89 27.12 -28.59
CA LEU A 661 14.67 27.02 -27.78
C LEU A 661 13.54 27.91 -28.28
N GLY A 662 13.52 28.20 -29.57
CA GLY A 662 12.47 29.04 -30.15
C GLY A 662 12.46 30.43 -29.55
N GLN A 663 11.29 30.89 -29.12
CA GLN A 663 11.09 32.24 -28.58
C GLN A 663 11.62 32.42 -27.16
N TYR A 664 12.05 31.34 -26.53
CA TYR A 664 12.56 31.41 -25.17
C TYR A 664 13.68 32.45 -25.10
N PRO A 665 13.52 33.47 -24.23
CA PRO A 665 14.43 34.62 -24.27
C PRO A 665 15.87 34.46 -23.77
N GLU A 666 16.20 33.31 -23.18
CA GLU A 666 17.54 33.08 -22.63
C GLU A 666 18.24 31.97 -23.40
N ASP A 667 19.41 32.26 -23.97
CA ASP A 667 20.18 31.24 -24.70
C ASP A 667 20.78 30.21 -23.75
N VAL A 668 20.74 28.95 -24.16
CA VAL A 668 21.40 27.87 -23.40
C VAL A 668 22.90 28.12 -23.35
N LYS A 669 23.49 27.89 -22.18
CA LYS A 669 24.94 28.00 -21.97
C LYS A 669 25.54 26.61 -21.90
N PHE A 670 26.84 26.50 -22.22
CA PHE A 670 27.52 25.21 -22.26
C PHE A 670 28.79 25.30 -21.45
N GLY A 671 29.24 24.16 -20.94
CA GLY A 671 30.53 24.12 -20.24
C GLY A 671 31.00 22.68 -20.10
N ASP A 672 32.28 22.51 -19.79
CA ASP A 672 32.80 21.19 -19.43
C ASP A 672 32.19 20.76 -18.09
N PRO A 673 32.07 19.43 -17.87
CA PRO A 673 31.58 18.97 -16.55
C PRO A 673 32.35 19.64 -15.41
N ARG A 674 31.61 20.02 -14.38
CA ARG A 674 32.20 20.68 -13.20
C ARG A 674 31.26 20.57 -12.01
N GLU A 675 31.80 20.71 -10.81
CA GLU A 675 30.96 20.78 -9.63
C GLU A 675 30.12 22.05 -9.65
N ILE A 676 28.89 21.95 -9.15
CA ILE A 676 27.99 23.09 -9.12
C ILE A 676 27.28 23.16 -7.79
N SER A 677 26.82 24.37 -7.45
N SER A 677 26.88 24.36 -7.42
CA SER A 677 26.11 24.62 -6.21
CA SER A 677 26.06 24.59 -6.24
C SER A 677 24.90 25.53 -6.47
C SER A 677 24.85 25.41 -6.62
N LEU A 678 23.75 25.17 -5.91
CA LEU A 678 22.52 25.89 -6.16
C LEU A 678 21.78 26.18 -4.86
N ARG A 679 21.09 27.31 -4.83
CA ARG A 679 20.21 27.65 -3.72
C ARG A 679 19.00 28.36 -4.29
N VAL A 680 17.81 27.89 -3.91
CA VAL A 680 16.57 28.55 -4.26
C VAL A 680 16.00 29.18 -3.01
N GLY A 681 15.56 30.44 -3.14
CA GLY A 681 14.99 31.20 -2.02
C GLY A 681 15.96 31.29 -0.87
N ASN A 682 15.43 31.17 0.34
CA ASN A 682 16.27 31.15 1.54
C ASN A 682 16.47 29.73 2.04
N GLY A 683 16.35 28.78 1.11
CA GLY A 683 16.39 27.37 1.45
C GLY A 683 17.79 26.81 1.50
N PRO A 684 17.91 25.47 1.47
CA PRO A 684 19.23 24.84 1.58
C PRO A 684 20.08 25.10 0.33
N THR A 685 21.39 25.05 0.49
CA THR A 685 22.31 25.11 -0.63
C THR A 685 22.77 23.69 -0.90
N LEU A 686 22.62 23.25 -2.15
CA LEU A 686 22.96 21.89 -2.53
C LEU A 686 24.17 21.93 -3.45
N ALA A 687 25.14 21.07 -3.17
CA ALA A 687 26.32 20.93 -4.01
C ALA A 687 26.28 19.60 -4.74
N PHE A 688 26.70 19.61 -6.00
CA PHE A 688 26.65 18.44 -6.88
C PHE A 688 28.01 18.12 -7.44
N SER A 689 28.29 16.83 -7.64
CA SER A 689 29.50 16.38 -8.30
C SER A 689 29.48 16.72 -9.78
N GLU A 690 30.62 16.56 -10.44
CA GLU A 690 30.67 16.76 -11.89
C GLU A 690 29.83 15.75 -12.67
N GLN A 691 29.37 14.69 -11.99
CA GLN A 691 28.44 13.73 -12.60
C GLN A 691 26.97 14.06 -12.30
N GLY A 692 26.72 15.21 -11.68
CA GLY A 692 25.36 15.70 -11.47
C GLY A 692 24.63 15.08 -10.30
N LEU A 693 25.38 14.48 -9.39
CA LEU A 693 24.80 13.81 -8.23
C LEU A 693 25.09 14.61 -6.97
N LEU A 694 24.08 14.71 -6.11
CA LEU A 694 24.23 15.43 -4.86
C LEU A 694 25.47 14.95 -4.11
N LYS A 695 26.21 15.91 -3.56
CA LYS A 695 27.32 15.60 -2.66
C LYS A 695 27.22 16.21 -1.27
N SER A 696 26.48 17.31 -1.13
CA SER A 696 26.32 17.95 0.18
C SER A 696 25.11 18.85 0.26
N ILE A 697 24.62 19.05 1.47
CA ILE A 697 23.50 19.94 1.75
C ILE A 697 23.94 20.91 2.86
N GLN A 698 23.78 22.20 2.62
CA GLN A 698 24.06 23.21 3.63
C GLN A 698 22.74 23.85 4.01
N LEU A 699 22.30 23.64 5.24
CA LEU A 699 20.96 24.06 5.62
C LEU A 699 20.78 25.58 5.67
N THR A 700 21.78 26.27 6.20
CA THR A 700 21.74 27.72 6.32
C THR A 700 23.07 28.33 5.85
N GLN A 701 23.13 29.65 5.78
CA GLN A 701 24.30 30.36 5.24
C GLN A 701 25.58 30.09 6.02
N ASP A 702 25.46 29.90 7.34
CA ASP A 702 26.62 29.74 8.22
C ASP A 702 26.97 28.27 8.53
N SER A 703 26.08 27.36 8.16
CA SER A 703 26.17 25.96 8.60
C SER A 703 27.14 25.11 7.77
N PRO A 704 27.53 23.93 8.30
CA PRO A 704 28.40 23.03 7.54
C PRO A 704 27.78 22.50 6.25
N HIS A 705 28.65 22.19 5.29
CA HIS A 705 28.24 21.44 4.11
C HIS A 705 28.22 19.98 4.49
N VAL A 706 27.03 19.49 4.82
CA VAL A 706 26.87 18.14 5.35
C VAL A 706 26.97 17.13 4.19
N PRO A 707 27.94 16.18 4.26
CA PRO A 707 28.06 15.20 3.20
C PRO A 707 26.80 14.34 3.07
N VAL A 708 26.18 14.40 1.89
CA VAL A 708 25.01 13.60 1.54
C VAL A 708 25.22 13.28 0.07
N HIS A 709 25.64 12.05 -0.21
N HIS A 709 25.60 12.04 -0.22
CA HIS A 709 26.01 11.65 -1.57
CA HIS A 709 25.98 11.69 -1.58
C HIS A 709 25.00 10.64 -2.12
C HIS A 709 25.09 10.60 -2.18
N PHE A 710 24.47 10.92 -3.31
CA PHE A 710 23.68 9.93 -4.05
C PHE A 710 24.62 9.07 -4.90
N LYS A 711 24.33 7.78 -4.94
CA LYS A 711 25.09 6.82 -5.72
C LYS A 711 24.14 5.76 -6.26
N PHE A 712 24.37 5.32 -7.48
CA PHE A 712 23.62 4.22 -8.06
C PHE A 712 24.49 2.98 -8.14
N LEU A 713 23.94 1.86 -7.69
CA LEU A 713 24.66 0.59 -7.68
C LEU A 713 23.77 -0.50 -8.26
N LYS A 714 24.37 -1.66 -8.51
CA LYS A 714 23.61 -2.78 -9.02
C LYS A 714 23.88 -4.04 -8.24
N TYR A 715 22.81 -4.78 -7.98
CA TYR A 715 22.91 -6.12 -7.46
C TYR A 715 22.74 -7.10 -8.60
N GLY A 716 23.36 -8.26 -8.48
CA GLY A 716 23.22 -9.30 -9.48
C GLY A 716 22.50 -10.50 -8.90
N VAL A 717 22.61 -11.61 -9.62
CA VAL A 717 21.93 -12.84 -9.27
C VAL A 717 22.96 -13.95 -9.14
N ARG A 718 22.68 -14.92 -8.29
CA ARG A 718 23.61 -16.03 -8.07
C ARG A 718 23.68 -16.96 -9.27
N SER A 719 24.89 -17.44 -9.55
CA SER A 719 25.11 -18.36 -10.67
C SER A 719 24.87 -19.82 -10.27
N HIS A 720 24.87 -20.07 -8.97
N HIS A 720 24.86 -20.09 -8.98
CA HIS A 720 24.57 -21.37 -8.39
CA HIS A 720 24.55 -21.42 -8.45
C HIS A 720 23.45 -21.23 -7.37
C HIS A 720 23.63 -21.31 -7.22
N GLY A 721 22.81 -22.33 -7.03
CA GLY A 721 21.79 -22.33 -5.97
C GLY A 721 20.55 -21.56 -6.34
N ASP A 722 19.92 -20.95 -5.33
CA ASP A 722 18.63 -20.31 -5.52
C ASP A 722 18.75 -18.95 -6.21
N ARG A 723 17.84 -18.72 -7.16
CA ARG A 723 17.83 -17.49 -7.94
C ARG A 723 16.76 -16.52 -7.47
N SER A 724 17.10 -15.24 -7.50
CA SER A 724 16.12 -14.17 -7.30
C SER A 724 15.02 -14.27 -8.34
N GLY A 725 13.82 -13.86 -7.94
CA GLY A 725 12.69 -13.79 -8.87
C GLY A 725 11.74 -12.71 -8.38
N ALA A 726 10.48 -12.78 -8.81
CA ALA A 726 9.51 -11.77 -8.43
C ALA A 726 9.32 -11.66 -6.91
N TYR A 727 9.46 -12.77 -6.20
CA TYR A 727 9.25 -12.78 -4.74
C TYR A 727 10.55 -12.59 -3.97
N LEU A 728 11.57 -13.36 -4.34
CA LEU A 728 12.80 -13.47 -3.54
C LEU A 728 13.90 -12.54 -4.01
N PHE A 729 14.63 -12.00 -3.04
CA PHE A 729 15.83 -11.23 -3.32
C PHE A 729 17.02 -12.04 -2.80
N LEU A 730 17.81 -12.55 -3.74
CA LEU A 730 18.96 -13.41 -3.42
C LEU A 730 20.20 -12.87 -4.12
N PRO A 731 20.74 -11.75 -3.59
CA PRO A 731 21.84 -11.10 -4.29
C PRO A 731 23.12 -11.92 -4.27
N ASN A 732 23.96 -11.73 -5.28
CA ASN A 732 25.28 -12.35 -5.31
C ASN A 732 26.31 -11.42 -4.65
N GLY A 733 26.03 -11.07 -3.39
CA GLY A 733 26.89 -10.18 -2.63
C GLY A 733 26.43 -8.73 -2.66
N PRO A 734 27.17 -7.86 -1.95
CA PRO A 734 26.90 -6.43 -1.94
C PRO A 734 26.88 -5.83 -3.33
N ALA A 735 26.13 -4.75 -3.48
CA ALA A 735 25.98 -4.07 -4.75
C ALA A 735 27.30 -3.48 -5.25
N SER A 736 27.43 -3.40 -6.57
N SER A 736 27.45 -3.40 -6.56
CA SER A 736 28.60 -2.82 -7.24
CA SER A 736 28.63 -2.81 -7.18
C SER A 736 28.21 -1.49 -7.87
C SER A 736 28.23 -1.51 -7.88
N PRO A 737 29.10 -0.48 -7.81
CA PRO A 737 28.76 0.80 -8.45
C PRO A 737 28.43 0.68 -9.93
N VAL A 738 27.40 1.41 -10.36
CA VAL A 738 27.09 1.55 -11.79
C VAL A 738 28.21 2.40 -12.41
N GLU A 739 28.78 1.92 -13.51
CA GLU A 739 29.78 2.69 -14.25
C GLU A 739 29.07 3.81 -14.99
N LEU A 740 29.40 5.06 -14.64
CA LEU A 740 28.64 6.21 -15.11
C LEU A 740 29.15 6.83 -16.40
N GLY A 741 30.41 6.54 -16.76
CA GLY A 741 31.06 7.16 -17.90
C GLY A 741 31.21 8.65 -17.69
N GLN A 742 30.92 9.43 -18.72
CA GLN A 742 30.96 10.89 -18.61
C GLN A 742 29.56 11.43 -18.94
N PRO A 743 28.65 11.40 -17.95
CA PRO A 743 27.27 11.73 -18.29
C PRO A 743 27.02 13.22 -18.55
N VAL A 744 25.98 13.47 -19.33
CA VAL A 744 25.55 14.84 -19.64
C VAL A 744 24.71 15.36 -18.48
N VAL A 745 25.02 16.57 -18.02
CA VAL A 745 24.36 17.18 -16.87
C VAL A 745 23.68 18.46 -17.32
N LEU A 746 22.41 18.63 -16.96
CA LEU A 746 21.66 19.83 -17.30
C LEU A 746 21.27 20.58 -16.03
N VAL A 747 21.66 21.85 -15.96
CA VAL A 747 21.38 22.71 -14.82
C VAL A 747 20.42 23.80 -15.23
N THR A 748 19.27 23.86 -14.58
CA THR A 748 18.31 24.91 -14.83
C THR A 748 18.21 25.75 -13.56
N LYS A 749 18.40 27.05 -13.68
CA LYS A 749 18.40 27.94 -12.53
C LYS A 749 17.33 28.98 -12.68
N GLY A 750 16.38 28.98 -11.76
CA GLY A 750 15.28 29.93 -11.77
C GLY A 750 15.04 30.51 -10.40
N LYS A 751 14.27 31.60 -10.39
CA LYS A 751 13.91 32.27 -9.13
C LYS A 751 13.00 31.39 -8.26
N LEU A 752 12.11 30.65 -8.91
CA LEU A 752 11.13 29.81 -8.20
C LEU A 752 11.54 28.35 -8.11
N GLU A 753 12.26 27.87 -9.12
CA GLU A 753 12.60 26.46 -9.20
C GLU A 753 13.89 26.28 -9.97
N SER A 754 14.78 25.48 -9.42
CA SER A 754 16.02 25.11 -10.07
C SER A 754 16.16 23.61 -10.05
N SER A 755 17.01 23.08 -10.91
CA SER A 755 17.20 21.63 -10.95
C SER A 755 18.50 21.25 -11.60
N VAL A 756 18.97 20.07 -11.23
CA VAL A 756 20.10 19.40 -11.86
C VAL A 756 19.62 18.04 -12.32
N SER A 757 19.78 17.75 -13.60
CA SER A 757 19.38 16.47 -14.19
C SER A 757 20.56 15.83 -14.86
N VAL A 758 20.66 14.51 -14.76
CA VAL A 758 21.78 13.80 -15.37
C VAL A 758 21.30 12.50 -16.00
N GLY A 759 21.78 12.24 -17.21
CA GLY A 759 21.42 11.03 -17.94
C GLY A 759 22.39 9.92 -17.63
N LEU A 760 22.05 9.08 -16.67
CA LEU A 760 22.90 7.96 -16.28
C LEU A 760 22.43 6.69 -16.97
N PRO A 761 23.29 5.66 -17.00
CA PRO A 761 22.80 4.39 -17.52
C PRO A 761 21.60 3.89 -16.71
N SER A 762 20.49 3.69 -17.40
CA SER A 762 19.23 3.21 -16.84
C SER A 762 18.41 4.21 -16.04
N VAL A 763 18.96 5.39 -15.76
N VAL A 763 18.94 5.41 -15.78
CA VAL A 763 18.28 6.37 -14.91
CA VAL A 763 18.21 6.36 -14.96
C VAL A 763 18.53 7.79 -15.41
C VAL A 763 18.51 7.81 -15.29
N VAL A 764 17.47 8.56 -15.63
CA VAL A 764 17.60 10.01 -15.71
C VAL A 764 17.26 10.51 -14.31
N HIS A 765 18.28 11.02 -13.62
CA HIS A 765 18.21 11.38 -12.21
C HIS A 765 18.09 12.89 -12.13
N GLN A 766 17.11 13.38 -11.36
N GLN A 766 17.10 13.37 -11.38
CA GLN A 766 16.78 14.81 -11.33
CA GLN A 766 16.83 14.78 -11.28
C GLN A 766 16.58 15.27 -9.88
C GLN A 766 16.72 15.18 -9.82
N THR A 767 17.32 16.31 -9.49
CA THR A 767 17.17 16.94 -8.18
C THR A 767 16.55 18.31 -8.41
N ILE A 768 15.39 18.54 -7.82
CA ILE A 768 14.60 19.74 -8.02
C ILE A 768 14.50 20.53 -6.72
N MET A 769 14.75 21.82 -6.81
CA MET A 769 14.79 22.71 -5.66
C MET A 769 13.76 23.81 -5.80
N ARG A 770 12.90 23.95 -4.80
CA ARG A 770 11.87 24.97 -4.80
C ARG A 770 11.91 25.82 -3.54
N GLY A 771 12.98 25.68 -2.77
CA GLY A 771 13.19 26.52 -1.59
C GLY A 771 13.15 25.79 -0.27
N GLY A 772 12.74 24.53 -0.30
CA GLY A 772 12.76 23.66 0.88
C GLY A 772 13.53 22.38 0.57
N ALA A 773 13.14 21.27 1.20
CA ALA A 773 13.78 19.99 0.91
C ALA A 773 13.66 19.66 -0.57
N PRO A 774 14.76 19.18 -1.17
CA PRO A 774 14.67 18.86 -2.61
C PRO A 774 13.70 17.72 -2.94
N GLU A 775 13.22 17.73 -4.17
CA GLU A 775 12.47 16.63 -4.74
C GLU A 775 13.44 15.90 -5.65
N ILE A 776 13.40 14.57 -5.59
CA ILE A 776 14.22 13.74 -6.46
C ILE A 776 13.27 13.00 -7.38
N ARG A 777 13.59 12.98 -8.67
CA ARG A 777 12.84 12.17 -9.63
C ARG A 777 13.80 11.30 -10.39
N ASN A 778 13.49 10.01 -10.47
CA ASN A 778 14.29 9.08 -11.26
C ASN A 778 13.42 8.51 -12.35
N LEU A 779 13.81 8.74 -13.60
CA LEU A 779 13.15 8.05 -14.71
C LEU A 779 13.94 6.79 -14.94
N VAL A 780 13.38 5.66 -14.50
CA VAL A 780 14.13 4.41 -14.44
C VAL A 780 13.73 3.52 -15.62
N ASP A 781 14.70 3.20 -16.48
CA ASP A 781 14.48 2.28 -17.60
C ASP A 781 15.61 1.28 -17.64
N ILE A 782 15.37 0.14 -17.01
CA ILE A 782 16.38 -0.89 -16.83
C ILE A 782 16.69 -1.57 -18.17
N GLY A 783 15.86 -1.28 -19.18
CA GLY A 783 16.15 -1.70 -20.56
C GLY A 783 16.26 -3.20 -20.63
N SER A 784 17.36 -3.68 -21.20
N SER A 784 17.35 -3.68 -21.25
CA SER A 784 17.58 -5.12 -21.38
CA SER A 784 17.59 -5.12 -21.36
C SER A 784 18.61 -5.70 -20.40
C SER A 784 18.80 -5.54 -20.53
N LEU A 785 18.94 -4.95 -19.35
CA LEU A 785 19.95 -5.37 -18.37
C LEU A 785 19.46 -6.56 -17.56
N ASP A 786 19.80 -7.75 -18.03
N ASP A 786 19.75 -7.76 -18.05
CA ASP A 786 19.34 -8.99 -17.42
CA ASP A 786 19.25 -8.97 -17.42
C ASP A 786 19.95 -9.22 -16.06
C ASP A 786 19.93 -9.24 -16.08
N ASN A 787 19.18 -9.87 -15.18
CA ASN A 787 19.65 -10.26 -13.85
C ASN A 787 20.33 -9.12 -13.10
N THR A 788 19.62 -8.00 -13.03
CA THR A 788 20.15 -6.77 -12.44
C THR A 788 19.06 -6.12 -11.59
N GLU A 789 19.44 -5.65 -10.40
CA GLU A 789 18.57 -4.81 -9.60
C GLU A 789 19.32 -3.50 -9.39
N ILE A 790 18.69 -2.38 -9.74
N ILE A 790 18.67 -2.39 -9.73
CA ILE A 790 19.35 -1.08 -9.59
CA ILE A 790 19.26 -1.06 -9.61
C ILE A 790 18.87 -0.43 -8.29
C ILE A 790 18.86 -0.47 -8.27
N VAL A 791 19.84 -0.07 -7.47
CA VAL A 791 19.59 0.56 -6.18
C VAL A 791 20.09 2.00 -6.17
N MET A 792 19.34 2.87 -5.51
CA MET A 792 19.80 4.24 -5.23
C MET A 792 20.21 4.29 -3.76
N ARG A 793 21.46 4.67 -3.51
CA ARG A 793 22.00 4.76 -2.15
C ARG A 793 22.33 6.20 -1.80
N LEU A 794 22.08 6.55 -0.55
CA LEU A 794 22.53 7.81 0.05
C LEU A 794 23.60 7.50 1.06
N GLU A 795 24.73 8.17 0.92
CA GLU A 795 25.85 7.97 1.83
C GLU A 795 26.03 9.25 2.62
N THR A 796 25.99 9.12 3.94
CA THR A 796 26.22 10.24 4.84
C THR A 796 27.21 9.80 5.90
N HIS A 797 27.58 10.74 6.76
CA HIS A 797 28.46 10.41 7.89
C HIS A 797 27.69 10.38 9.20
N ILE A 798 26.35 10.37 9.12
CA ILE A 798 25.47 10.27 10.29
C ILE A 798 25.80 8.98 11.04
N ASP A 799 26.00 9.09 12.35
CA ASP A 799 26.38 7.94 13.16
C ASP A 799 25.16 7.15 13.61
N SER A 800 24.53 6.50 12.65
CA SER A 800 23.29 5.78 12.90
C SER A 800 23.55 4.36 13.39
N GLY A 801 24.77 3.85 13.21
CA GLY A 801 25.10 2.52 13.68
C GLY A 801 24.32 1.49 12.91
N ASP A 802 23.55 0.69 13.63
CA ASP A 802 22.76 -0.38 13.01
C ASP A 802 21.27 -0.08 13.05
N ILE A 803 20.89 1.16 13.34
CA ILE A 803 19.48 1.53 13.48
C ILE A 803 19.00 2.32 12.27
N PHE A 804 17.78 2.02 11.83
CA PHE A 804 17.11 2.83 10.82
C PHE A 804 15.61 2.68 11.03
N TYR A 805 14.84 3.50 10.35
CA TYR A 805 13.40 3.49 10.53
C TYR A 805 12.74 3.43 9.18
N THR A 806 11.69 2.62 9.10
CA THR A 806 10.90 2.51 7.85
C THR A 806 9.44 2.57 8.20
N ASP A 807 8.61 2.97 7.26
CA ASP A 807 7.20 3.02 7.57
C ASP A 807 6.47 1.71 7.29
N LEU A 808 5.32 1.58 7.93
CA LEU A 808 4.39 0.50 7.69
C LEU A 808 3.12 1.10 7.12
N ASN A 809 2.87 0.77 5.85
CA ASN A 809 1.63 1.17 5.17
C ASN A 809 1.32 2.65 5.18
N GLY A 810 2.35 3.49 5.30
CA GLY A 810 2.16 4.93 5.33
C GLY A 810 1.48 5.41 6.61
N LEU A 811 1.44 4.54 7.62
CA LEU A 811 0.71 4.81 8.86
C LEU A 811 1.62 5.13 10.04
N GLN A 812 2.76 4.46 10.12
CA GLN A 812 3.61 4.54 11.32
C GLN A 812 5.02 4.23 10.90
N PHE A 813 5.99 4.70 11.69
CA PHE A 813 7.40 4.39 11.48
C PHE A 813 7.89 3.46 12.55
N ILE A 814 8.53 2.37 12.14
CA ILE A 814 8.98 1.34 13.05
C ILE A 814 10.50 1.31 13.04
N LYS A 815 11.08 1.11 14.22
N LYS A 815 11.09 1.15 14.23
CA LYS A 815 12.52 0.99 14.38
CA LYS A 815 12.53 1.00 14.36
C LYS A 815 13.00 -0.35 13.84
C LYS A 815 12.96 -0.33 13.78
N ARG A 816 14.02 -0.29 12.98
CA ARG A 816 14.66 -1.47 12.44
C ARG A 816 16.08 -1.54 12.96
N ARG A 817 16.59 -2.76 13.16
CA ARG A 817 17.99 -2.95 13.49
C ARG A 817 18.59 -3.88 12.44
N ARG A 818 19.64 -3.39 11.77
CA ARG A 818 20.39 -4.21 10.84
C ARG A 818 21.06 -5.31 11.64
N LEU A 819 20.91 -6.56 11.18
CA LEU A 819 21.47 -7.70 11.88
C LEU A 819 22.46 -8.40 11.00
N ASP A 820 23.73 -8.35 11.39
CA ASP A 820 24.76 -8.98 10.60
C ASP A 820 24.69 -10.52 10.68
N LYS A 821 23.93 -11.05 11.65
CA LYS A 821 23.73 -12.50 11.72
C LYS A 821 22.76 -13.00 10.64
N LEU A 822 22.07 -12.06 9.99
CA LEU A 822 21.15 -12.38 8.89
C LEU A 822 21.75 -11.93 7.57
N PRO A 823 21.37 -12.59 6.46
CA PRO A 823 21.90 -12.18 5.16
C PRO A 823 21.37 -10.83 4.71
N LEU A 824 22.06 -10.23 3.75
CA LEU A 824 21.71 -8.91 3.25
C LEU A 824 20.20 -8.75 2.96
N GLN A 825 19.63 -9.71 2.25
CA GLN A 825 18.23 -9.65 1.83
C GLN A 825 17.23 -9.65 2.98
N ALA A 826 17.66 -10.16 4.15
CA ALA A 826 16.82 -10.16 5.35
C ALA A 826 16.75 -8.76 5.94
N ASN A 827 17.74 -7.94 5.64
CA ASN A 827 17.83 -6.57 6.16
C ASN A 827 17.09 -5.56 5.31
N TYR A 828 16.50 -6.04 4.23
CA TYR A 828 15.63 -5.25 3.37
C TYR A 828 14.21 -5.28 3.92
N TYR A 829 13.57 -4.10 3.94
CA TYR A 829 12.22 -3.92 4.44
C TYR A 829 11.38 -3.16 3.43
N PRO A 830 10.04 -3.25 3.55
CA PRO A 830 9.24 -2.43 2.67
C PRO A 830 9.42 -0.96 3.03
N ILE A 831 9.45 -0.11 2.02
CA ILE A 831 9.49 1.34 2.19
C ILE A 831 8.24 1.88 1.52
N PRO A 832 7.07 1.69 2.15
CA PRO A 832 5.84 2.11 1.50
C PRO A 832 5.67 3.60 1.39
N SER A 833 6.33 4.39 2.23
CA SER A 833 6.24 5.85 2.12
C SER A 833 7.47 6.61 2.62
N GLY A 834 8.33 5.97 3.40
CA GLY A 834 9.53 6.66 3.81
C GLY A 834 10.43 5.88 4.73
N MET A 835 11.62 6.45 4.92
CA MET A 835 12.63 5.82 5.76
C MET A 835 13.54 6.90 6.26
N PHE A 836 14.15 6.66 7.41
CA PHE A 836 15.13 7.61 7.90
C PHE A 836 16.21 6.98 8.76
N ILE A 837 17.33 7.68 8.82
CA ILE A 837 18.42 7.38 9.77
C ILE A 837 18.72 8.64 10.56
N GLU A 838 19.21 8.45 11.78
CA GLU A 838 19.54 9.60 12.62
C GLU A 838 20.62 9.26 13.64
N ASP A 839 21.26 10.30 14.15
CA ASP A 839 22.10 10.19 15.34
C ASP A 839 21.60 11.22 16.34
N ALA A 840 22.42 11.58 17.31
CA ALA A 840 21.99 12.54 18.32
C ALA A 840 21.60 13.89 17.74
N ASN A 841 22.24 14.28 16.63
CA ASN A 841 22.12 15.63 16.12
C ASN A 841 21.44 15.81 14.77
N THR A 842 21.54 14.78 13.91
CA THR A 842 21.17 14.91 12.51
C THR A 842 20.30 13.75 12.08
N ARG A 843 19.32 14.04 11.23
CA ARG A 843 18.46 13.01 10.63
C ARG A 843 18.40 13.22 9.12
N LEU A 844 18.42 12.12 8.38
CA LEU A 844 18.14 12.16 6.95
C LEU A 844 16.92 11.28 6.69
N THR A 845 15.88 11.90 6.12
CA THR A 845 14.61 11.22 5.81
C THR A 845 14.42 11.24 4.30
N LEU A 846 14.13 10.08 3.73
CA LEU A 846 13.75 9.96 2.33
C LEU A 846 12.28 9.55 2.27
N LEU A 847 11.44 10.42 1.72
CA LEU A 847 10.03 10.13 1.52
C LEU A 847 9.83 9.67 0.09
N THR A 848 8.87 8.76 -0.08
N THR A 848 8.90 8.73 -0.10
CA THR A 848 8.63 8.15 -1.39
CA THR A 848 8.72 8.09 -1.42
C THR A 848 7.22 8.42 -1.89
C THR A 848 7.28 8.15 -1.91
N GLY A 849 7.13 8.40 -3.21
CA GLY A 849 5.82 8.44 -3.86
C GLY A 849 5.34 7.11 -4.38
N GLN A 850 6.04 6.04 -3.99
CA GLN A 850 5.74 4.69 -4.43
C GLN A 850 6.40 3.72 -3.46
N PRO A 851 5.76 2.58 -3.20
CA PRO A 851 6.41 1.59 -2.32
C PRO A 851 7.53 0.85 -3.05
N LEU A 852 8.68 0.77 -2.38
CA LEU A 852 9.88 0.09 -2.89
C LEU A 852 10.60 -0.57 -1.74
N GLY A 853 11.56 -1.45 -2.01
CA GLY A 853 12.31 -2.09 -0.94
C GLY A 853 13.54 -1.30 -0.59
N GLY A 854 13.97 -1.38 0.66
CA GLY A 854 15.13 -0.62 1.05
C GLY A 854 15.71 -1.04 2.36
N SER A 855 16.84 -0.41 2.70
CA SER A 855 17.57 -0.79 3.91
C SER A 855 18.56 0.29 4.28
N SER A 856 19.24 0.05 5.40
CA SER A 856 20.45 0.77 5.75
C SER A 856 21.49 -0.31 6.04
N LEU A 857 22.38 -0.58 5.07
CA LEU A 857 23.31 -1.70 5.19
C LEU A 857 24.62 -1.36 5.89
N ALA A 858 24.79 -0.08 6.19
CA ALA A 858 25.94 0.39 6.95
C ALA A 858 25.55 1.70 7.60
N SER A 859 26.22 2.02 8.70
CA SER A 859 26.01 3.25 9.42
C SER A 859 26.10 4.43 8.45
N GLY A 860 25.16 5.35 8.56
CA GLY A 860 25.12 6.52 7.69
C GLY A 860 24.52 6.35 6.31
N GLU A 861 24.10 5.14 5.97
CA GLU A 861 23.53 4.86 4.63
C GLU A 861 22.03 4.64 4.64
N LEU A 862 21.39 5.03 3.54
CA LEU A 862 20.02 4.63 3.21
C LEU A 862 20.10 4.11 1.79
N GLU A 863 19.32 3.09 1.46
CA GLU A 863 19.21 2.71 0.07
C GLU A 863 17.83 2.22 -0.26
N ILE A 864 17.45 2.39 -1.52
CA ILE A 864 16.12 2.02 -1.97
C ILE A 864 16.20 1.49 -3.39
N MET A 865 15.63 0.32 -3.61
CA MET A 865 15.67 -0.33 -4.91
C MET A 865 14.76 0.38 -5.91
N GLN A 866 15.24 0.52 -7.15
CA GLN A 866 14.52 1.25 -8.18
C GLN A 866 13.74 0.34 -9.11
N ASP A 867 14.40 -0.74 -9.56
CA ASP A 867 13.74 -1.75 -10.41
C ASP A 867 14.62 -2.96 -10.42
N ARG A 868 14.05 -4.06 -10.89
CA ARG A 868 14.74 -5.31 -10.93
C ARG A 868 14.26 -6.10 -12.14
N ARG A 869 15.21 -6.71 -12.85
CA ARG A 869 14.93 -7.46 -14.06
C ARG A 869 15.63 -8.79 -13.90
N LEU A 870 14.83 -9.85 -13.89
CA LEU A 870 15.28 -11.16 -13.46
C LEU A 870 14.91 -12.23 -14.45
N ALA A 871 15.91 -12.97 -14.89
CA ALA A 871 15.73 -13.96 -15.94
C ALA A 871 15.07 -15.24 -15.44
N SER A 872 15.25 -15.56 -14.16
CA SER A 872 14.81 -16.85 -13.64
C SER A 872 13.58 -16.78 -12.75
N ASP A 873 12.90 -17.91 -12.65
CA ASP A 873 11.83 -18.14 -11.70
C ASP A 873 12.42 -18.47 -10.34
N ASP A 874 11.71 -18.09 -9.28
CA ASP A 874 12.15 -18.32 -7.91
C ASP A 874 11.36 -19.40 -7.15
N GLU A 875 10.72 -20.28 -7.90
N GLU A 875 10.68 -20.28 -7.87
CA GLU A 875 10.07 -21.49 -7.39
CA GLU A 875 10.11 -21.52 -7.30
C GLU A 875 9.03 -21.21 -6.31
C GLU A 875 8.89 -21.32 -6.42
N ARG A 876 8.25 -20.15 -6.51
CA ARG A 876 7.13 -19.85 -5.65
C ARG A 876 5.79 -19.89 -6.39
N GLY A 877 5.83 -20.38 -7.63
CA GLY A 877 4.59 -20.65 -8.37
C GLY A 877 4.35 -19.80 -9.59
N LEU A 878 5.11 -18.72 -9.74
CA LEU A 878 4.85 -17.80 -10.84
C LEU A 878 5.26 -18.39 -12.18
N GLY A 879 6.31 -19.21 -12.18
CA GLY A 879 6.79 -19.86 -13.40
C GLY A 879 7.23 -18.89 -14.50
N GLN A 880 7.70 -17.72 -14.09
CA GLN A 880 8.38 -16.78 -14.97
C GLN A 880 9.30 -15.91 -14.12
N GLY A 881 10.27 -15.27 -14.76
CA GLY A 881 11.06 -14.23 -14.12
C GLY A 881 10.32 -12.92 -14.19
N VAL A 882 11.08 -11.83 -14.15
CA VAL A 882 10.51 -10.50 -14.32
C VAL A 882 11.27 -9.85 -15.46
N LEU A 883 10.65 -9.84 -16.64
CA LEU A 883 11.29 -9.35 -17.85
C LEU A 883 10.40 -8.35 -18.61
N ASP A 884 9.37 -7.88 -17.93
CA ASP A 884 8.39 -6.98 -18.53
C ASP A 884 8.52 -5.54 -18.01
N ASN A 885 9.73 -5.18 -17.60
CA ASN A 885 10.03 -3.84 -17.15
C ASN A 885 9.62 -2.76 -18.13
N LYS A 886 9.16 -1.65 -17.60
CA LYS A 886 8.87 -0.48 -18.41
C LYS A 886 9.33 0.77 -17.69
N PRO A 887 9.62 1.84 -18.44
CA PRO A 887 10.04 3.08 -17.81
C PRO A 887 9.05 3.55 -16.75
N VAL A 888 9.59 3.98 -15.61
CA VAL A 888 8.77 4.48 -14.52
C VAL A 888 9.44 5.72 -13.94
N LEU A 889 8.63 6.70 -13.57
CA LEU A 889 9.13 7.90 -12.91
C LEU A 889 8.89 7.79 -11.39
N HIS A 890 9.95 7.48 -10.68
CA HIS A 890 9.91 7.44 -9.22
C HIS A 890 10.11 8.83 -8.65
N ILE A 891 9.37 9.16 -7.60
CA ILE A 891 9.47 10.49 -6.99
C ILE A 891 9.75 10.40 -5.50
N TYR A 892 10.53 11.34 -4.98
CA TYR A 892 10.98 11.37 -3.58
C TYR A 892 11.12 12.78 -3.08
N ARG A 893 11.17 12.92 -1.76
CA ARG A 893 11.66 14.15 -1.15
C ARG A 893 12.76 13.74 -0.20
N LEU A 894 13.78 14.58 -0.11
CA LEU A 894 14.96 14.31 0.73
C LEU A 894 15.09 15.41 1.76
N VAL A 895 14.91 15.03 3.03
CA VAL A 895 14.88 15.99 4.13
C VAL A 895 16.02 15.76 5.10
N LEU A 896 17.01 16.67 5.06
CA LEU A 896 18.08 16.69 6.05
C LEU A 896 17.70 17.67 7.12
N GLU A 897 17.76 17.26 8.40
CA GLU A 897 17.32 18.11 9.51
C GLU A 897 18.20 17.93 10.71
N LYS A 898 18.32 19.00 11.50
CA LYS A 898 18.84 18.89 12.84
C LYS A 898 17.75 18.40 13.79
N VAL A 899 18.10 17.41 14.61
CA VAL A 899 17.15 16.82 15.56
C VAL A 899 17.62 16.88 17.02
N ASN A 900 18.69 17.64 17.26
CA ASN A 900 19.25 17.72 18.61
C ASN A 900 18.28 18.33 19.61
N ASN A 901 17.34 19.13 19.12
CA ASN A 901 16.34 19.77 19.99
C ASN A 901 15.01 19.03 20.06
N CYS A 902 14.88 17.93 19.33
CA CYS A 902 13.60 17.24 19.25
C CYS A 902 13.38 16.35 20.45
N VAL A 903 12.14 16.33 20.93
CA VAL A 903 11.74 15.38 21.97
C VAL A 903 11.48 14.03 21.28
N ARG A 904 12.39 13.10 21.49
CA ARG A 904 12.33 11.82 20.81
C ARG A 904 12.01 10.70 21.78
N PRO A 905 11.48 9.58 21.27
CA PRO A 905 11.29 8.43 22.14
C PRO A 905 12.61 7.97 22.76
N SER A 906 12.53 7.27 23.88
CA SER A 906 13.71 6.72 24.51
C SER A 906 14.33 5.62 23.65
N LYS A 907 15.55 5.22 24.01
CA LYS A 907 16.29 4.22 23.23
C LYS A 907 15.57 2.88 23.13
N LEU A 908 14.69 2.59 24.10
CA LEU A 908 13.98 1.31 24.13
C LEU A 908 12.64 1.33 23.41
N HIS A 909 12.19 2.50 22.95
CA HIS A 909 10.90 2.61 22.28
C HIS A 909 11.00 2.06 20.85
N PRO A 910 10.04 1.21 20.45
CA PRO A 910 10.12 0.60 19.10
C PRO A 910 9.66 1.47 17.94
N ALA A 911 9.15 2.68 18.20
CA ALA A 911 8.65 3.57 17.14
C ALA A 911 9.55 4.75 16.89
N GLY A 912 9.38 5.37 15.72
CA GLY A 912 9.94 6.68 15.46
C GLY A 912 8.86 7.57 14.87
N TYR A 913 9.11 8.86 14.82
CA TYR A 913 8.13 9.84 14.34
C TYR A 913 8.78 10.87 13.46
N LEU A 914 8.04 11.30 12.44
CA LEU A 914 8.50 12.33 11.53
C LEU A 914 8.48 13.70 12.17
N THR A 915 9.28 14.61 11.62
CA THR A 915 9.12 16.03 11.90
C THR A 915 8.03 16.60 11.01
N SER A 916 7.56 17.81 11.34
CA SER A 916 6.63 18.55 10.50
C SER A 916 7.08 18.63 9.05
N ALA A 917 8.33 19.01 8.83
CA ALA A 917 8.80 19.17 7.45
C ALA A 917 8.75 17.87 6.66
N ALA A 918 9.10 16.76 7.31
CA ALA A 918 9.10 15.47 6.62
C ALA A 918 7.69 14.99 6.34
N HIS A 919 6.78 15.20 7.29
CA HIS A 919 5.40 14.85 7.07
C HIS A 919 4.80 15.66 5.92
N LYS A 920 5.03 16.98 5.90
CA LYS A 920 4.54 17.78 4.79
C LYS A 920 5.15 17.34 3.46
N ALA A 921 6.42 16.96 3.49
CA ALA A 921 7.07 16.47 2.28
C ALA A 921 6.39 15.18 1.78
N SER A 922 6.06 14.28 2.70
CA SER A 922 5.32 13.08 2.32
C SER A 922 3.96 13.44 1.70
N GLN A 923 3.24 14.37 2.32
CA GLN A 923 1.95 14.80 1.78
C GLN A 923 2.10 15.40 0.39
N SER A 924 3.23 16.06 0.12
CA SER A 924 3.45 16.68 -1.18
C SER A 924 3.59 15.63 -2.27
N LEU A 925 4.06 14.43 -1.89
CA LEU A 925 4.24 13.33 -2.83
C LEU A 925 2.95 12.56 -3.03
N LEU A 926 2.24 12.27 -1.93
CA LEU A 926 1.07 11.39 -1.99
C LEU A 926 -0.22 12.11 -2.32
N ASP A 927 -0.36 13.34 -1.86
CA ASP A 927 -1.58 14.10 -2.12
C ASP A 927 -1.28 15.52 -2.59
N PRO A 928 -0.70 15.64 -3.79
CA PRO A 928 -0.35 16.94 -4.34
C PRO A 928 -1.61 17.72 -4.68
N LEU A 929 -1.48 18.99 -4.99
CA LEU A 929 -2.59 19.71 -5.62
C LEU A 929 -2.99 19.05 -6.93
N ASP A 930 -4.30 19.04 -7.21
CA ASP A 930 -4.80 18.59 -8.50
C ASP A 930 -4.95 19.80 -9.40
N LYS A 931 -4.64 19.64 -10.68
CA LYS A 931 -4.64 20.76 -11.61
C LYS A 931 -5.62 20.49 -12.74
N PHE A 932 -6.47 21.47 -13.02
CA PHE A 932 -7.51 21.34 -14.05
C PHE A 932 -7.35 22.46 -15.06
N ILE A 933 -7.46 22.14 -16.34
CA ILE A 933 -7.39 23.14 -17.41
C ILE A 933 -8.76 23.25 -18.05
N PHE A 934 -9.37 24.43 -18.07
CA PHE A 934 -10.68 24.58 -18.70
C PHE A 934 -10.59 24.24 -20.19
N ALA A 935 -11.47 23.38 -20.68
CA ALA A 935 -11.34 22.82 -22.03
C ALA A 935 -11.78 23.79 -23.13
N GLU A 936 -12.89 24.48 -22.93
CA GLU A 936 -13.46 25.36 -23.94
C GLU A 936 -12.79 26.74 -23.93
N ASN A 937 -13.22 27.61 -24.84
CA ASN A 937 -12.62 28.93 -24.95
C ASN A 937 -13.01 29.87 -23.82
N GLU A 938 -14.28 29.82 -23.42
CA GLU A 938 -14.79 30.71 -22.39
C GLU A 938 -15.62 29.96 -21.37
N TRP A 939 -15.31 30.22 -20.10
CA TRP A 939 -16.06 29.64 -18.99
C TRP A 939 -17.03 30.68 -18.45
N ILE A 940 -18.29 30.55 -18.87
CA ILE A 940 -19.33 31.50 -18.46
C ILE A 940 -19.74 31.21 -17.01
N GLY A 941 -19.76 32.23 -16.17
CA GLY A 941 -20.17 32.08 -14.77
C GLY A 941 -19.09 31.58 -13.84
N ALA A 942 -17.84 31.62 -14.30
CA ALA A 942 -16.69 31.15 -13.52
C ALA A 942 -16.55 31.89 -12.20
N GLN A 943 -16.20 31.16 -11.16
CA GLN A 943 -15.94 31.71 -9.83
C GLN A 943 -14.49 31.48 -9.41
N GLY A 944 -14.01 32.30 -8.47
CA GLY A 944 -12.59 32.35 -8.16
C GLY A 944 -12.08 31.36 -7.12
N GLN A 945 -12.97 30.88 -6.27
CA GLN A 945 -12.54 30.10 -5.11
C GLN A 945 -13.71 29.28 -4.59
N PHE A 946 -13.38 28.13 -4.01
CA PHE A 946 -14.33 27.33 -3.24
C PHE A 946 -13.63 26.90 -1.97
N GLY A 947 -14.32 27.00 -0.84
CA GLY A 947 -13.80 26.52 0.42
C GLY A 947 -13.01 27.52 1.24
N GLY A 948 -13.08 28.81 0.88
CA GLY A 948 -12.39 29.85 1.62
C GLY A 948 -12.79 29.89 3.09
N ASP A 949 -14.00 29.42 3.39
CA ASP A 949 -14.52 29.39 4.75
C ASP A 949 -14.35 28.03 5.46
N HIS A 950 -13.70 27.07 4.80
CA HIS A 950 -13.41 25.77 5.42
C HIS A 950 -12.35 25.96 6.52
N PRO A 951 -12.53 25.28 7.68
CA PRO A 951 -11.50 25.36 8.73
C PRO A 951 -10.14 24.83 8.29
N SER A 952 -9.08 25.51 8.71
CA SER A 952 -7.72 25.11 8.41
C SER A 952 -7.17 24.39 9.63
N ALA A 953 -7.17 23.07 9.56
CA ALA A 953 -6.89 22.21 10.71
C ALA A 953 -5.41 22.11 11.03
N ARG A 954 -5.10 21.72 12.27
N ARG A 954 -5.11 21.72 12.27
CA ARG A 954 -3.73 21.49 12.69
CA ARG A 954 -3.73 21.48 12.69
C ARG A 954 -3.02 20.54 11.71
C ARG A 954 -3.02 20.54 11.71
N GLU A 955 -1.72 20.78 11.51
CA GLU A 955 -0.96 20.12 10.45
C GLU A 955 -0.89 18.59 10.56
N ASP A 956 -1.07 18.07 11.77
CA ASP A 956 -0.99 16.62 11.97
C ASP A 956 -2.32 15.91 11.71
N LEU A 957 -3.36 16.66 11.39
CA LEU A 957 -4.69 16.08 11.15
C LEU A 957 -4.99 16.01 9.66
N ASP A 958 -5.51 14.86 9.22
CA ASP A 958 -5.94 14.71 7.84
C ASP A 958 -7.38 14.19 7.77
N VAL A 959 -8.11 14.64 6.76
CA VAL A 959 -9.39 14.03 6.39
C VAL A 959 -9.03 13.03 5.30
N SER A 960 -8.76 11.81 5.73
CA SER A 960 -8.27 10.74 4.86
C SER A 960 -9.32 10.33 3.83
N VAL A 961 -10.59 10.34 4.27
CA VAL A 961 -11.74 10.01 3.43
C VAL A 961 -12.86 11.00 3.69
N MET A 962 -13.45 11.50 2.61
CA MET A 962 -14.75 12.17 2.65
C MET A 962 -15.58 11.51 1.55
N ARG A 963 -16.70 10.92 1.95
CA ARG A 963 -17.52 10.12 1.05
C ARG A 963 -18.99 10.30 1.34
N ARG A 964 -19.75 10.77 0.35
CA ARG A 964 -21.21 10.77 0.53
C ARG A 964 -21.70 9.33 0.45
N LEU A 965 -22.47 8.94 1.44
CA LEU A 965 -22.90 7.54 1.59
C LEU A 965 -24.29 7.24 1.05
N THR A 966 -25.01 8.29 0.69
CA THR A 966 -26.39 8.19 0.24
C THR A 966 -26.54 8.69 -1.19
N LYS A 967 -27.46 8.08 -1.93
CA LYS A 967 -27.84 8.55 -3.26
C LYS A 967 -28.85 9.68 -3.11
N SER A 968 -29.17 10.32 -4.24
CA SER A 968 -29.94 11.57 -4.21
C SER A 968 -31.36 11.40 -3.67
N SER A 969 -31.91 10.20 -3.80
CA SER A 969 -33.29 9.92 -3.38
C SER A 969 -33.51 9.82 -1.88
N ALA A 970 -32.42 9.73 -1.11
CA ALA A 970 -32.51 9.65 0.35
C ALA A 970 -32.91 10.99 0.98
N LYS A 971 -34.02 10.98 1.72
CA LYS A 971 -34.49 12.15 2.47
C LYS A 971 -33.40 12.67 3.42
N THR A 972 -32.75 11.75 4.12
CA THR A 972 -31.66 12.11 5.01
C THR A 972 -30.33 11.75 4.35
N GLN A 973 -29.57 12.78 3.97
CA GLN A 973 -28.28 12.57 3.33
C GLN A 973 -27.23 12.27 4.39
N ARG A 974 -26.28 11.39 4.08
CA ARG A 974 -25.23 11.02 5.02
C ARG A 974 -23.89 11.15 4.36
N VAL A 975 -22.95 11.74 5.09
CA VAL A 975 -21.58 11.89 4.58
C VAL A 975 -20.64 11.30 5.61
N GLY A 976 -19.74 10.46 5.13
CA GLY A 976 -18.77 9.80 5.99
C GLY A 976 -17.39 10.43 5.89
N TYR A 977 -16.72 10.52 7.03
CA TYR A 977 -15.38 11.07 7.13
C TYR A 977 -14.49 10.12 7.90
N VAL A 978 -13.28 9.88 7.38
CA VAL A 978 -12.25 9.22 8.17
C VAL A 978 -11.20 10.26 8.49
N LEU A 979 -10.95 10.46 9.78
CA LEU A 979 -9.98 11.42 10.27
C LEU A 979 -8.79 10.68 10.85
N HIS A 980 -7.60 11.06 10.40
CA HIS A 980 -6.38 10.47 10.93
C HIS A 980 -5.49 11.56 11.49
N ARG A 981 -5.02 11.37 12.73
CA ARG A 981 -4.01 12.28 13.27
C ARG A 981 -2.74 11.52 13.42
N THR A 982 -1.69 12.01 12.76
CA THR A 982 -0.38 11.43 12.93
C THR A 982 0.25 11.99 14.21
N ASN A 983 1.51 11.67 14.45
CA ASN A 983 2.23 12.27 15.56
C ASN A 983 3.56 12.78 15.04
N LEU A 984 3.76 14.08 15.23
CA LEU A 984 4.97 14.76 14.78
C LEU A 984 5.83 15.13 15.98
N MET A 985 7.14 15.09 15.82
CA MET A 985 8.02 15.44 16.94
C MET A 985 7.91 16.89 17.34
N GLN A 986 7.99 17.12 18.66
CA GLN A 986 8.13 18.46 19.21
C GLN A 986 9.60 18.85 19.12
N CYS A 987 9.90 19.89 18.34
CA CYS A 987 11.31 20.31 18.13
C CYS A 987 11.53 21.80 18.37
N GLY A 988 10.58 22.46 19.04
CA GLY A 988 10.75 23.85 19.43
C GLY A 988 10.10 24.89 18.54
N THR A 989 9.29 24.45 17.59
CA THR A 989 8.53 25.39 16.75
C THR A 989 7.18 25.66 17.37
N PRO A 990 6.89 26.94 17.70
CA PRO A 990 5.65 27.33 18.38
C PRO A 990 4.39 26.80 17.69
N GLU A 991 4.34 26.91 16.36
CA GLU A 991 3.21 26.44 15.54
C GLU A 991 1.84 26.79 16.12
N GLU A 992 1.36 27.98 15.79
CA GLU A 992 0.14 28.53 16.39
C GLU A 992 -1.01 28.66 15.40
N HIS A 993 -2.12 29.22 15.89
CA HIS A 993 -3.31 29.58 15.09
C HIS A 993 -3.76 28.59 14.02
N THR A 994 -4.47 27.55 14.46
CA THR A 994 -5.27 26.70 13.59
C THR A 994 -6.67 26.60 14.15
N GLN A 995 -7.64 26.29 13.28
CA GLN A 995 -9.03 26.16 13.71
C GLN A 995 -9.39 24.72 13.97
N LYS A 996 -10.29 24.52 14.93
CA LYS A 996 -10.88 23.21 15.17
C LYS A 996 -11.61 22.76 13.93
N LEU A 997 -11.36 21.52 13.52
CA LEU A 997 -12.09 20.96 12.42
C LEU A 997 -13.19 20.08 12.98
N ASP A 998 -14.43 20.47 12.74
CA ASP A 998 -15.57 19.63 13.06
C ASP A 998 -16.18 19.19 11.74
N VAL A 999 -15.91 17.93 11.36
CA VAL A 999 -16.36 17.46 10.07
C VAL A 999 -17.88 17.40 9.95
N CYS A 1000 -18.57 17.27 11.07
CA CYS A 1000 -20.02 17.13 11.02
C CYS A 1000 -20.75 18.42 10.63
N HIS A 1001 -20.05 19.54 10.69
CA HIS A 1001 -20.60 20.83 10.26
C HIS A 1001 -20.02 21.34 8.92
N LEU A 1002 -19.27 20.50 8.22
CA LEU A 1002 -18.74 20.89 6.92
C LEU A 1002 -19.83 21.05 5.87
N LEU A 1003 -20.88 20.25 5.96
CA LEU A 1003 -22.07 20.44 5.14
C LEU A 1003 -23.18 21.04 5.99
N PRO A 1004 -24.01 21.89 5.39
CA PRO A 1004 -25.07 22.57 6.14
C PRO A 1004 -26.20 21.64 6.56
N ASN A 1005 -27.01 22.14 7.50
CA ASN A 1005 -28.25 21.47 7.92
C ASN A 1005 -28.01 20.11 8.55
N VAL A 1006 -26.97 20.01 9.38
CA VAL A 1006 -26.68 18.78 10.11
C VAL A 1006 -27.80 18.49 11.12
N ALA A 1007 -28.26 17.24 11.11
CA ALA A 1007 -29.34 16.79 11.99
C ALA A 1007 -28.86 15.76 12.99
N ARG A 1008 -27.74 15.10 12.68
CA ARG A 1008 -27.07 14.21 13.63
C ARG A 1008 -25.64 13.92 13.21
N CYS A 1009 -24.82 13.55 14.18
CA CYS A 1009 -23.42 13.20 13.96
C CYS A 1009 -23.14 11.96 14.79
N GLU A 1010 -22.59 10.94 14.14
CA GLU A 1010 -22.31 9.66 14.80
C GLU A 1010 -20.85 9.31 14.61
N ARG A 1011 -20.21 8.80 15.66
CA ARG A 1011 -18.94 8.12 15.47
C ARG A 1011 -19.25 6.71 15.01
N THR A 1012 -18.52 6.24 14.01
CA THR A 1012 -18.78 4.92 13.44
C THR A 1012 -17.51 4.09 13.36
N THR A 1013 -17.65 2.80 13.09
CA THR A 1013 -16.52 2.01 12.65
C THR A 1013 -15.92 2.62 11.38
N LEU A 1014 -14.67 2.26 11.06
CA LEU A 1014 -13.97 2.93 9.95
C LEU A 1014 -14.57 2.65 8.58
N THR A 1015 -15.34 1.58 8.50
CA THR A 1015 -16.07 1.18 7.29
C THR A 1015 -17.41 1.88 7.15
N PHE A 1016 -17.77 2.67 8.17
CA PHE A 1016 -19.06 3.40 8.28
C PHE A 1016 -20.26 2.50 8.54
N LEU A 1017 -20.03 1.23 8.82
CA LEU A 1017 -21.12 0.26 8.85
C LEU A 1017 -21.82 0.10 10.19
N GLN A 1018 -21.20 0.59 11.27
CA GLN A 1018 -21.84 0.50 12.59
C GLN A 1018 -21.70 1.81 13.34
N ASN A 1019 -22.81 2.32 13.88
CA ASN A 1019 -22.79 3.50 14.72
C ASN A 1019 -22.29 3.13 16.12
N LEU A 1020 -21.27 3.84 16.60
CA LEU A 1020 -20.66 3.54 17.89
C LEU A 1020 -21.04 4.55 18.97
N GLU A 1021 -21.26 5.80 18.57
CA GLU A 1021 -21.53 6.89 19.52
C GLU A 1021 -22.38 7.97 18.87
N HIS A 1022 -23.46 8.36 19.56
CA HIS A 1022 -24.26 9.49 19.14
C HIS A 1022 -23.63 10.74 19.76
N LEU A 1023 -23.31 11.72 18.93
CA LEU A 1023 -22.48 12.84 19.38
C LEU A 1023 -23.27 14.09 19.77
N ASP A 1024 -23.07 14.52 21.02
CA ASP A 1024 -23.75 15.68 21.56
C ASP A 1024 -23.33 16.97 20.86
N GLY A 1025 -24.31 17.80 20.55
CA GLY A 1025 -24.07 19.07 19.86
C GLY A 1025 -23.78 18.87 18.39
N MET A 1026 -23.86 17.62 17.93
CA MET A 1026 -23.52 17.24 16.56
C MET A 1026 -22.10 17.68 16.20
N VAL A 1027 -21.20 17.60 17.18
CA VAL A 1027 -19.81 18.00 17.00
C VAL A 1027 -18.92 16.78 17.06
N ALA A 1028 -18.17 16.56 15.98
CA ALA A 1028 -17.21 15.47 15.90
C ALA A 1028 -15.92 15.93 16.55
N PRO A 1029 -15.55 15.33 17.70
CA PRO A 1029 -14.32 15.74 18.39
C PRO A 1029 -13.08 15.24 17.65
N GLU A 1030 -12.06 16.08 17.56
CA GLU A 1030 -10.80 15.68 16.93
C GLU A 1030 -10.17 14.47 17.62
N VAL A 1031 -9.36 13.75 16.86
CA VAL A 1031 -8.79 12.50 17.32
C VAL A 1031 -7.43 12.73 17.99
N CYS A 1032 -6.97 11.74 18.73
CA CYS A 1032 -5.69 11.78 19.42
C CYS A 1032 -4.54 11.42 18.49
N PRO A 1033 -3.30 11.80 18.84
CA PRO A 1033 -2.15 11.39 18.02
C PRO A 1033 -2.11 9.88 17.79
N MET A 1034 -1.86 9.51 16.53
CA MET A 1034 -1.81 8.14 16.03
C MET A 1034 -3.16 7.44 15.94
N GLU A 1035 -4.25 8.16 16.24
CA GLU A 1035 -5.59 7.59 16.19
C GLU A 1035 -6.26 7.92 14.86
N THR A 1036 -7.22 7.07 14.50
CA THR A 1036 -8.04 7.23 13.33
C THR A 1036 -9.47 7.01 13.78
N ALA A 1037 -10.37 7.90 13.38
CA ALA A 1037 -11.79 7.78 13.75
C ALA A 1037 -12.64 8.07 12.54
N ALA A 1038 -13.85 7.53 12.54
CA ALA A 1038 -14.77 7.81 11.46
C ALA A 1038 -16.03 8.44 12.02
N TYR A 1039 -16.57 9.38 11.27
CA TYR A 1039 -17.80 10.05 11.65
C TYR A 1039 -18.73 10.09 10.46
N VAL A 1040 -20.03 9.98 10.74
CA VAL A 1040 -21.04 10.17 9.71
C VAL A 1040 -21.95 11.30 10.15
N SER A 1041 -22.05 12.33 9.32
CA SER A 1041 -23.02 13.42 9.53
C SER A 1041 -24.28 13.15 8.70
N SER A 1042 -25.43 13.43 9.29
CA SER A 1042 -26.71 13.30 8.61
C SER A 1042 -27.32 14.68 8.42
N HIS A 1043 -27.93 14.90 7.26
CA HIS A 1043 -28.39 16.22 6.86
C HIS A 1043 -29.81 16.20 6.37
N SER A 1044 -30.60 17.16 6.88
CA SER A 1044 -32.03 17.27 6.62
C SER A 1044 -32.32 18.09 5.37
#